data_9FT8
# 
_entry.id   9FT8 
# 
_audit_conform.dict_name       mmcif_pdbx.dic 
_audit_conform.dict_version    5.401 
_audit_conform.dict_location   http://mmcif.pdb.org/dictionaries/ascii/mmcif_pdbx.dic 
# 
loop_
_database_2.database_id 
_database_2.database_code 
_database_2.pdbx_database_accession 
_database_2.pdbx_DOI 
PDB   9FT8         pdb_00009ft8 10.2210/pdb9ft8/pdb 
WWPDB D_1292139639 ?            ?                   
# 
_pdbx_audit_revision_history.ordinal             1 
_pdbx_audit_revision_history.data_content_type   'Structure model' 
_pdbx_audit_revision_history.major_revision      1 
_pdbx_audit_revision_history.minor_revision      0 
_pdbx_audit_revision_history.revision_date       2025-01-22 
# 
_pdbx_audit_revision_details.ordinal             1 
_pdbx_audit_revision_details.revision_ordinal    1 
_pdbx_audit_revision_details.data_content_type   'Structure model' 
_pdbx_audit_revision_details.provider            repository 
_pdbx_audit_revision_details.type                'Initial release' 
_pdbx_audit_revision_details.description         ? 
_pdbx_audit_revision_details.details             ? 
# 
_pdbx_database_status.status_code                     REL 
_pdbx_database_status.status_code_sf                  REL 
_pdbx_database_status.status_code_mr                  ? 
_pdbx_database_status.entry_id                        9FT8 
_pdbx_database_status.recvd_initial_deposition_date   2024-06-24 
_pdbx_database_status.SG_entry                        N 
_pdbx_database_status.deposit_site                    PDBE 
_pdbx_database_status.process_site                    PDBE 
_pdbx_database_status.status_code_cs                  ? 
_pdbx_database_status.status_code_nmr_data            ? 
_pdbx_database_status.methods_development_category    ? 
_pdbx_database_status.pdb_format_compatible           N 
# 
_pdbx_contact_author.id                 2 
_pdbx_contact_author.email              sbirkova@mail.bg 
_pdbx_contact_author.name_first         Hristina 
_pdbx_contact_author.name_last          Sbirkova-Dimitrova 
_pdbx_contact_author.name_mi            ? 
_pdbx_contact_author.role               'principal investigator/group leader' 
_pdbx_contact_author.identifier_ORCID   0000-0002-0296-7229 
# 
loop_
_audit_author.name 
_audit_author.pdbx_ordinal 
_audit_author.identifier_ORCID 
'Sbirkova-Dimitrova, H.I.' 1 ? 
'Shivachev, B.L.'          2 ? 
# 
_citation.abstract                  ? 
_citation.abstract_id_CAS           ? 
_citation.book_id_ISBN              ? 
_citation.book_publisher            ? 
_citation.book_publisher_city       ? 
_citation.book_title                ? 
_citation.coordinate_linkage        ? 
_citation.country                   CH 
_citation.database_id_Medline       ? 
_citation.details                   ? 
_citation.id                        primary 
_citation.journal_abbrev            Crystals 
_citation.journal_id_ASTM           ? 
_citation.journal_id_CSD            ? 
_citation.journal_id_ISSN           2073-4352 
_citation.journal_full              ? 
_citation.journal_issue             ? 
_citation.journal_volume            15 
_citation.language                  ? 
_citation.page_first                ? 
_citation.page_last                 ? 
_citation.title                     
;Structural Characterization of B-DNA d(CGTGAATTCACG)2 in Complex with the Specific Minor Groove Binding Fluorescent Marker Hoechst 33342
;
_citation.year                      2025 
_citation.database_id_CSD           ? 
_citation.pdbx_database_id_DOI      10.3390/cryst15010020 
_citation.pdbx_database_id_PubMed   ? 
_citation.pdbx_database_id_patent   ? 
_citation.unpublished_flag          ? 
# 
loop_
_citation_author.citation_id 
_citation_author.name 
_citation_author.ordinal 
_citation_author.identifier_ORCID 
primary 'Sbirkova-Dimitrova, H.' 1 ? 
primary 'Rusew, R.'              2 ? 
primary 'Gerginov, H.'           3 ? 
primary 'Heroux, A.'             4 ? 
primary 'Shivachev, B.L.'        5 ? 
# 
loop_
_entity.id 
_entity.type 
_entity.src_method 
_entity.pdbx_description 
_entity.formula_weight 
_entity.pdbx_number_of_molecules 
_entity.pdbx_ec 
_entity.pdbx_mutation 
_entity.pdbx_fragment 
_entity.details 
1 polymer     syn 
;DNA (5'-D(*CP*GP*TP*GP*AP*AP*TP*TP*CP*AP*CP*G)-3')
;
3662.404 2  ? ? ? ? 
2 non-polymer syn 'MAGNESIUM ION'                                                        24.305   2  ? ? ? ? 
3 non-polymer syn 'CHLORIDE ION'                                                         35.453   2  ? ? ? ? 
4 non-polymer syn "2'-(4-ETHOXYPHENYL)-5-(4-METHYL-1-PIPERAZINYL)-2,5'-BI-BENZIMIDAZOLE" 452.551  1  ? ? ? ? 
5 water       nat water                                                                  18.015   18 ? ? ? ? 
# 
_entity_poly.entity_id                      1 
_entity_poly.type                           polydeoxyribonucleotide 
_entity_poly.nstd_linkage                   no 
_entity_poly.nstd_monomer                   no 
_entity_poly.pdbx_seq_one_letter_code       '(DC)(DG)(DT)(DG)(DA)(DA)(DT)(DT)(DC)(DA)(DC)(DG)' 
_entity_poly.pdbx_seq_one_letter_code_can   CGTGAATTCACG 
_entity_poly.pdbx_strand_id                 AAA,BBB 
_entity_poly.pdbx_target_identifier         ? 
# 
loop_
_pdbx_entity_nonpoly.entity_id 
_pdbx_entity_nonpoly.name 
_pdbx_entity_nonpoly.comp_id 
2 'MAGNESIUM ION'                                                        MG  
3 'CHLORIDE ION'                                                         CL  
4 "2'-(4-ETHOXYPHENYL)-5-(4-METHYL-1-PIPERAZINYL)-2,5'-BI-BENZIMIDAZOLE" HT1 
5 water                                                                  HOH 
# 
loop_
_entity_poly_seq.entity_id 
_entity_poly_seq.num 
_entity_poly_seq.mon_id 
_entity_poly_seq.hetero 
1 1  DC n 
1 2  DG n 
1 3  DT n 
1 4  DG n 
1 5  DA n 
1 6  DA n 
1 7  DT n 
1 8  DT n 
1 9  DC n 
1 10 DA n 
1 11 DC n 
1 12 DG n 
# 
_pdbx_entity_src_syn.entity_id              1 
_pdbx_entity_src_syn.pdbx_src_id            1 
_pdbx_entity_src_syn.pdbx_alt_source_flag   sample 
_pdbx_entity_src_syn.pdbx_beg_seq_num       1 
_pdbx_entity_src_syn.pdbx_end_seq_num       12 
_pdbx_entity_src_syn.organism_scientific    'DNA molecule' 
_pdbx_entity_src_syn.organism_common_name   ? 
_pdbx_entity_src_syn.ncbi_taxonomy_id       2853804 
_pdbx_entity_src_syn.details                ? 
# 
loop_
_chem_comp.id 
_chem_comp.type 
_chem_comp.mon_nstd_flag 
_chem_comp.name 
_chem_comp.pdbx_synonyms 
_chem_comp.formula 
_chem_comp.formula_weight 
CL  non-polymer   . 'CHLORIDE ION'                                                         ?               'Cl -1'           
35.453  
DA  'DNA linking' y "2'-DEOXYADENOSINE-5'-MONOPHOSPHATE"                                   ?               'C10 H14 N5 O6 P' 
331.222 
DC  'DNA linking' y "2'-DEOXYCYTIDINE-5'-MONOPHOSPHATE"                                    ?               'C9 H14 N3 O7 P'  
307.197 
DG  'DNA linking' y "2'-DEOXYGUANOSINE-5'-MONOPHOSPHATE"                                   ?               'C10 H14 N5 O7 P' 
347.221 
DT  'DNA linking' y "THYMIDINE-5'-MONOPHOSPHATE"                                           ?               'C10 H15 N2 O8 P' 
322.208 
HOH non-polymer   . WATER                                                                  ?               'H2 O'            
18.015  
HT1 non-polymer   . "2'-(4-ETHOXYPHENYL)-5-(4-METHYL-1-PIPERAZINYL)-2,5'-BI-BENZIMIDAZOLE" 'HOECHST 33342' 'C27 H28 N6 O'    
452.551 
MG  non-polymer   . 'MAGNESIUM ION'                                                        ?               'Mg 2'            
24.305  
# 
loop_
_pdbx_poly_seq_scheme.asym_id 
_pdbx_poly_seq_scheme.entity_id 
_pdbx_poly_seq_scheme.seq_id 
_pdbx_poly_seq_scheme.mon_id 
_pdbx_poly_seq_scheme.ndb_seq_num 
_pdbx_poly_seq_scheme.pdb_seq_num 
_pdbx_poly_seq_scheme.auth_seq_num 
_pdbx_poly_seq_scheme.pdb_mon_id 
_pdbx_poly_seq_scheme.auth_mon_id 
_pdbx_poly_seq_scheme.pdb_strand_id 
_pdbx_poly_seq_scheme.pdb_ins_code 
_pdbx_poly_seq_scheme.hetero 
A 1 1  DC 1  1  1  DC DC AAA . n 
A 1 2  DG 2  2  2  DG DG AAA . n 
A 1 3  DT 3  3  3  DT DT AAA . n 
A 1 4  DG 4  4  4  DG DG AAA . n 
A 1 5  DA 5  5  5  DA DA AAA . n 
A 1 6  DA 6  6  6  DA DA AAA . n 
A 1 7  DT 7  7  7  DT DT AAA . n 
A 1 8  DT 8  8  8  DT DT AAA . n 
A 1 9  DC 9  9  9  DC DC AAA . n 
A 1 10 DA 10 10 10 DA DA AAA . n 
A 1 11 DC 11 11 11 DC DC AAA . n 
A 1 12 DG 12 12 12 DG DG AAA . n 
B 1 1  DC 1  13 13 DC DC BBB . n 
B 1 2  DG 2  14 14 DG DG BBB . n 
B 1 3  DT 3  15 15 DT DT BBB . n 
B 1 4  DG 4  16 16 DG DG BBB . n 
B 1 5  DA 5  17 17 DA DA BBB . n 
B 1 6  DA 6  18 18 DA DA BBB . n 
B 1 7  DT 7  19 19 DT DT BBB . n 
B 1 8  DT 8  20 20 DT DT BBB . n 
B 1 9  DC 9  21 21 DC DC BBB . n 
B 1 10 DA 10 22 22 DA DA BBB . n 
B 1 11 DC 11 23 23 DC DC BBB . n 
B 1 12 DG 12 24 24 DG DG BBB . n 
# 
_pdbx_entity_instance_feature.ordinal        1 
_pdbx_entity_instance_feature.comp_id        HT1 
_pdbx_entity_instance_feature.asym_id        ? 
_pdbx_entity_instance_feature.seq_num        ? 
_pdbx_entity_instance_feature.auth_comp_id   HT1 
_pdbx_entity_instance_feature.auth_asym_id   ? 
_pdbx_entity_instance_feature.auth_seq_num   ? 
_pdbx_entity_instance_feature.feature_type   'SUBJECT OF INVESTIGATION' 
_pdbx_entity_instance_feature.details        ? 
# 
loop_
_pdbx_nonpoly_scheme.asym_id 
_pdbx_nonpoly_scheme.entity_id 
_pdbx_nonpoly_scheme.mon_id 
_pdbx_nonpoly_scheme.ndb_seq_num 
_pdbx_nonpoly_scheme.pdb_seq_num 
_pdbx_nonpoly_scheme.auth_seq_num 
_pdbx_nonpoly_scheme.pdb_mon_id 
_pdbx_nonpoly_scheme.auth_mon_id 
_pdbx_nonpoly_scheme.pdb_strand_id 
_pdbx_nonpoly_scheme.pdb_ins_code 
C 2 MG  1  101 1  MG  MG  AAA . 
D 2 MG  1  102 2  MG  MG  AAA . 
E 3 CL  1  103 1  CL  CL  AAA . 
F 3 CL  1  104 2  CL  CL  AAA . 
G 4 HT1 1  101 1  HT1 HT1 BBB . 
H 5 HOH 1  201 59 HOH HOH AAA . 
H 5 HOH 2  202 51 HOH HOH AAA . 
H 5 HOH 3  203 11 HOH HOH AAA . 
H 5 HOH 4  204 46 HOH HOH AAA . 
H 5 HOH 5  205 10 HOH HOH AAA . 
H 5 HOH 6  206 55 HOH HOH AAA . 
H 5 HOH 7  207 18 HOH HOH AAA . 
H 5 HOH 8  208 58 HOH HOH AAA . 
H 5 HOH 9  209 49 HOH HOH AAA . 
H 5 HOH 10 210 2  HOH HOH AAA . 
H 5 HOH 11 211 13 HOH HOH AAA . 
H 5 HOH 12 212 1  HOH HOH AAA . 
I 5 HOH 1  201 16 HOH HOH BBB . 
I 5 HOH 2  202 57 HOH HOH BBB . 
I 5 HOH 3  203 53 HOH HOH BBB . 
I 5 HOH 4  204 4  HOH HOH BBB . 
I 5 HOH 5  205 56 HOH HOH BBB . 
I 5 HOH 6  206 12 HOH HOH BBB . 
# 
loop_
_software.citation_id 
_software.classification 
_software.compiler_name 
_software.compiler_version 
_software.contact_author 
_software.contact_author_email 
_software.date 
_software.description 
_software.dependencies 
_software.hardware 
_software.language 
_software.location 
_software.mods 
_software.name 
_software.os 
_software.os_version 
_software.type 
_software.version 
_software.pdbx_ordinal 
? refinement       ? ? ? ? ? ? ? ? ? ? ? REFMAC ? ? ? 5.8.0253 1 
? 'data reduction' ? ? ? ? ? ? ? ? ? ? ? XDS    ? ? ? .        2 
? 'data scaling'   ? ? ? ? ? ? ? ? ? ? ? XSCALE ? ? ? .        3 
? phasing          ? ? ? ? ? ? ? ? ? ? ? PHASER ? ? ? .        4 
# 
_cell.angle_alpha                  90.000 
_cell.angle_alpha_esd              ? 
_cell.angle_beta                   90.000 
_cell.angle_beta_esd               ? 
_cell.angle_gamma                  90.000 
_cell.angle_gamma_esd              ? 
_cell.entry_id                     9FT8 
_cell.details                      ? 
_cell.formula_units_Z              ? 
_cell.length_a                     24.593 
_cell.length_a_esd                 ? 
_cell.length_b                     40.406 
_cell.length_b_esd                 ? 
_cell.length_c                     65.033 
_cell.length_c_esd                 ? 
_cell.volume                       ? 
_cell.volume_esd                   ? 
_cell.Z_PDB                        8 
_cell.reciprocal_angle_alpha       ? 
_cell.reciprocal_angle_beta        ? 
_cell.reciprocal_angle_gamma       ? 
_cell.reciprocal_angle_alpha_esd   ? 
_cell.reciprocal_angle_beta_esd    ? 
_cell.reciprocal_angle_gamma_esd   ? 
_cell.reciprocal_length_a          ? 
_cell.reciprocal_length_b          ? 
_cell.reciprocal_length_c          ? 
_cell.reciprocal_length_a_esd      ? 
_cell.reciprocal_length_b_esd      ? 
_cell.reciprocal_length_c_esd      ? 
_cell.pdbx_unique_axis             ? 
_cell.pdbx_esd_method              ? 
# 
_symmetry.entry_id                         9FT8 
_symmetry.cell_setting                     ? 
_symmetry.Int_Tables_number                19 
_symmetry.space_group_name_Hall            ? 
_symmetry.space_group_name_H-M             'P 21 21 21' 
_symmetry.pdbx_full_space_group_name_H-M   ? 
# 
_exptl.absorpt_coefficient_mu     ? 
_exptl.absorpt_correction_T_max   ? 
_exptl.absorpt_correction_T_min   ? 
_exptl.absorpt_correction_type    ? 
_exptl.absorpt_process_details    ? 
_exptl.entry_id                   9FT8 
_exptl.crystals_number            1 
_exptl.details                    ? 
_exptl.method                     'X-RAY DIFFRACTION' 
_exptl.method_details             ? 
# 
_exptl_crystal.colour                       ? 
_exptl_crystal.density_diffrn               ? 
_exptl_crystal.density_Matthews             2.21 
_exptl_crystal.density_method               ? 
_exptl_crystal.density_percent_sol          44.23 
_exptl_crystal.description                  ? 
_exptl_crystal.F_000                        ? 
_exptl_crystal.id                           1 
_exptl_crystal.preparation                  ? 
_exptl_crystal.size_max                     ? 
_exptl_crystal.size_mid                     ? 
_exptl_crystal.size_min                     ? 
_exptl_crystal.size_rad                     ? 
_exptl_crystal.colour_lustre                ? 
_exptl_crystal.colour_modifier              ? 
_exptl_crystal.colour_primary               ? 
_exptl_crystal.density_meas                 ? 
_exptl_crystal.density_meas_esd             ? 
_exptl_crystal.density_meas_gt              ? 
_exptl_crystal.density_meas_lt              ? 
_exptl_crystal.density_meas_temp            ? 
_exptl_crystal.density_meas_temp_esd        ? 
_exptl_crystal.density_meas_temp_gt         ? 
_exptl_crystal.density_meas_temp_lt         ? 
_exptl_crystal.pdbx_crystal_image_url       ? 
_exptl_crystal.pdbx_crystal_image_format    ? 
_exptl_crystal.pdbx_mosaicity               ? 
_exptl_crystal.pdbx_mosaicity_esd           ? 
_exptl_crystal.pdbx_mosaic_method           ? 
_exptl_crystal.pdbx_mosaic_block_size       ? 
_exptl_crystal.pdbx_mosaic_block_size_esd   ? 
# 
_exptl_crystal_grow.apparatus       ? 
_exptl_crystal_grow.atmosphere      ? 
_exptl_crystal_grow.crystal_id      1 
_exptl_crystal_grow.details         ? 
_exptl_crystal_grow.method          'VAPOR DIFFUSION, HANGING DROP' 
_exptl_crystal_grow.method_ref      ? 
_exptl_crystal_grow.pH              ? 
_exptl_crystal_grow.pressure        ? 
_exptl_crystal_grow.pressure_esd    ? 
_exptl_crystal_grow.seeding         ? 
_exptl_crystal_grow.seeding_ref     ? 
_exptl_crystal_grow.temp_details    ? 
_exptl_crystal_grow.temp_esd        ? 
_exptl_crystal_grow.time            ? 
_exptl_crystal_grow.pdbx_details    '10%MPD, 60mM MgCl2, 30 mM NaCaCo (pH6.8), 1mM Spermine' 
_exptl_crystal_grow.pdbx_pH_range   ? 
_exptl_crystal_grow.temp            294 
# 
_diffrn.ambient_environment              ? 
_diffrn.ambient_temp                     294 
_diffrn.ambient_temp_details             ? 
_diffrn.ambient_temp_esd                 ? 
_diffrn.crystal_id                       1 
_diffrn.crystal_support                  ? 
_diffrn.crystal_treatment                ? 
_diffrn.details                          ? 
_diffrn.id                               1 
_diffrn.ambient_pressure                 ? 
_diffrn.ambient_pressure_esd             ? 
_diffrn.ambient_pressure_gt              ? 
_diffrn.ambient_pressure_lt              ? 
_diffrn.ambient_temp_gt                  ? 
_diffrn.ambient_temp_lt                  ? 
_diffrn.pdbx_serial_crystal_experiment   N 
# 
_diffrn_detector.details                      ? 
_diffrn_detector.detector                     PIXEL 
_diffrn_detector.diffrn_id                    1 
_diffrn_detector.type                         'DECTRIS PILATUS 2M' 
_diffrn_detector.area_resol_mean              ? 
_diffrn_detector.dtime                        ? 
_diffrn_detector.pdbx_frames_total            ? 
_diffrn_detector.pdbx_collection_time_total   ? 
_diffrn_detector.pdbx_collection_date         2022-08-01 
_diffrn_detector.pdbx_frequency               ? 
_diffrn_detector.id                           ? 
_diffrn_detector.number_of_axes               ? 
# 
_diffrn_radiation.collimation                      ? 
_diffrn_radiation.diffrn_id                        1 
_diffrn_radiation.filter_edge                      ? 
_diffrn_radiation.inhomogeneity                    ? 
_diffrn_radiation.monochromator                    ? 
_diffrn_radiation.polarisn_norm                    ? 
_diffrn_radiation.polarisn_ratio                   ? 
_diffrn_radiation.probe                            ? 
_diffrn_radiation.type                             ? 
_diffrn_radiation.xray_symbol                      ? 
_diffrn_radiation.wavelength_id                    1 
_diffrn_radiation.pdbx_monochromatic_or_laue_m_l   M 
_diffrn_radiation.pdbx_wavelength_list             ? 
_diffrn_radiation.pdbx_wavelength                  ? 
_diffrn_radiation.pdbx_diffrn_protocol             'SINGLE WAVELENGTH' 
_diffrn_radiation.pdbx_analyzer                    ? 
_diffrn_radiation.pdbx_scattering_type             x-ray 
# 
_diffrn_radiation_wavelength.id           1 
_diffrn_radiation_wavelength.wavelength   2 
_diffrn_radiation_wavelength.wt           1.0 
# 
_diffrn_source.current                     ? 
_diffrn_source.details                     ? 
_diffrn_source.diffrn_id                   1 
_diffrn_source.power                       ? 
_diffrn_source.size                        ? 
_diffrn_source.source                      SYNCHROTRON 
_diffrn_source.target                      ? 
_diffrn_source.type                        'ELETTRA BEAMLINE 5.2R' 
_diffrn_source.voltage                     ? 
_diffrn_source.take-off_angle              ? 
_diffrn_source.pdbx_wavelength_list        2 
_diffrn_source.pdbx_wavelength             ? 
_diffrn_source.pdbx_synchrotron_beamline   5.2R 
_diffrn_source.pdbx_synchrotron_site       ELETTRA 
# 
_reflns.B_iso_Wilson_estimate                          39.4 
_reflns.entry_id                                       9FT8 
_reflns.data_reduction_details                         ? 
_reflns.data_reduction_method                          ? 
_reflns.d_resolution_high                              1.902 
_reflns.d_resolution_low                               34.321 
_reflns.details                                        ? 
_reflns.limit_h_max                                    ? 
_reflns.limit_h_min                                    ? 
_reflns.limit_k_max                                    ? 
_reflns.limit_k_min                                    ? 
_reflns.limit_l_max                                    ? 
_reflns.limit_l_min                                    ? 
_reflns.number_all                                     ? 
_reflns.number_obs                                     5462 
_reflns.observed_criterion                             ? 
_reflns.observed_criterion_F_max                       ? 
_reflns.observed_criterion_F_min                       ? 
_reflns.observed_criterion_I_max                       ? 
_reflns.observed_criterion_I_min                       ? 
_reflns.observed_criterion_sigma_F                     ? 
_reflns.observed_criterion_sigma_I                     ? 
_reflns.percent_possible_obs                           99.8 
_reflns.R_free_details                                 ? 
_reflns.Rmerge_F_all                                   ? 
_reflns.Rmerge_F_obs                                   ? 
_reflns.Friedel_coverage                               ? 
_reflns.number_gt                                      ? 
_reflns.threshold_expression                           ? 
_reflns.pdbx_redundancy                                7 
_reflns.pdbx_netI_over_av_sigmaI                       ? 
_reflns.pdbx_netI_over_sigmaI                          4.36 
_reflns.pdbx_res_netI_over_av_sigmaI_2                 ? 
_reflns.pdbx_res_netI_over_sigmaI_2                    ? 
_reflns.pdbx_chi_squared                               ? 
_reflns.pdbx_scaling_rejects                           ? 
_reflns.pdbx_d_res_high_opt                            ? 
_reflns.pdbx_d_res_low_opt                             ? 
_reflns.pdbx_d_res_opt_method                          ? 
_reflns.phase_calculation_details                      ? 
_reflns.pdbx_Rrim_I_all                                ? 
_reflns.pdbx_Rpim_I_all                                ? 
_reflns.pdbx_d_opt                                     ? 
_reflns.pdbx_number_measured_all                       ? 
_reflns.pdbx_diffrn_id                                 1 
_reflns.pdbx_ordinal                                   1 
_reflns.pdbx_CC_half                                   0.964 
_reflns.pdbx_CC_star                                   ? 
_reflns.pdbx_R_split                                   ? 
_reflns.pdbx_Rmerge_I_obs                              ? 
_reflns.pdbx_Rmerge_I_all                              ? 
_reflns.pdbx_Rsym_value                                ? 
_reflns.pdbx_CC_split_method                           ? 
_reflns.pdbx_aniso_diffraction_limit_axis_1_ortho[1]   ? 
_reflns.pdbx_aniso_diffraction_limit_axis_1_ortho[2]   ? 
_reflns.pdbx_aniso_diffraction_limit_axis_1_ortho[3]   ? 
_reflns.pdbx_aniso_diffraction_limit_axis_2_ortho[1]   ? 
_reflns.pdbx_aniso_diffraction_limit_axis_2_ortho[2]   ? 
_reflns.pdbx_aniso_diffraction_limit_axis_2_ortho[3]   ? 
_reflns.pdbx_aniso_diffraction_limit_axis_3_ortho[1]   ? 
_reflns.pdbx_aniso_diffraction_limit_axis_3_ortho[2]   ? 
_reflns.pdbx_aniso_diffraction_limit_axis_3_ortho[3]   ? 
_reflns.pdbx_aniso_diffraction_limit_1                 ? 
_reflns.pdbx_aniso_diffraction_limit_2                 ? 
_reflns.pdbx_aniso_diffraction_limit_3                 ? 
_reflns.pdbx_aniso_B_tensor_eigenvector_1_ortho[1]     ? 
_reflns.pdbx_aniso_B_tensor_eigenvector_1_ortho[2]     ? 
_reflns.pdbx_aniso_B_tensor_eigenvector_1_ortho[3]     ? 
_reflns.pdbx_aniso_B_tensor_eigenvector_2_ortho[1]     ? 
_reflns.pdbx_aniso_B_tensor_eigenvector_2_ortho[2]     ? 
_reflns.pdbx_aniso_B_tensor_eigenvector_2_ortho[3]     ? 
_reflns.pdbx_aniso_B_tensor_eigenvector_3_ortho[1]     ? 
_reflns.pdbx_aniso_B_tensor_eigenvector_3_ortho[2]     ? 
_reflns.pdbx_aniso_B_tensor_eigenvector_3_ortho[3]     ? 
_reflns.pdbx_aniso_B_tensor_eigenvalue_1               ? 
_reflns.pdbx_aniso_B_tensor_eigenvalue_2               ? 
_reflns.pdbx_aniso_B_tensor_eigenvalue_3               ? 
_reflns.pdbx_orthogonalization_convention              ? 
_reflns.pdbx_percent_possible_ellipsoidal              ? 
_reflns.pdbx_percent_possible_spherical                ? 
_reflns.pdbx_percent_possible_ellipsoidal_anomalous    ? 
_reflns.pdbx_percent_possible_spherical_anomalous      ? 
_reflns.pdbx_redundancy_anomalous                      ? 
_reflns.pdbx_CC_half_anomalous                         ? 
_reflns.pdbx_absDiff_over_sigma_anomalous              ? 
_reflns.pdbx_percent_possible_anomalous                ? 
_reflns.pdbx_observed_signal_threshold                 ? 
_reflns.pdbx_signal_type                               ? 
_reflns.pdbx_signal_details                            ? 
_reflns.pdbx_signal_software_id                        ? 
# 
_reflns_shell.d_res_high                                    1.902 
_reflns_shell.d_res_low                                     1.951 
_reflns_shell.meanI_over_sigI_all                           ? 
_reflns_shell.meanI_over_sigI_obs                           ? 
_reflns_shell.number_measured_all                           ? 
_reflns_shell.number_measured_obs                           ? 
_reflns_shell.number_possible                               ? 
_reflns_shell.number_unique_all                             ? 
_reflns_shell.number_unique_obs                             5200 
_reflns_shell.percent_possible_obs                          ? 
_reflns_shell.Rmerge_F_all                                  ? 
_reflns_shell.Rmerge_F_obs                                  ? 
_reflns_shell.meanI_over_sigI_gt                            ? 
_reflns_shell.meanI_over_uI_all                             ? 
_reflns_shell.meanI_over_uI_gt                              ? 
_reflns_shell.number_measured_gt                            ? 
_reflns_shell.number_unique_gt                              ? 
_reflns_shell.percent_possible_gt                           ? 
_reflns_shell.Rmerge_F_gt                                   ? 
_reflns_shell.Rmerge_I_gt                                   ? 
_reflns_shell.pdbx_redundancy                               ? 
_reflns_shell.pdbx_chi_squared                              ? 
_reflns_shell.pdbx_netI_over_sigmaI_all                     ? 
_reflns_shell.pdbx_netI_over_sigmaI_obs                     ? 
_reflns_shell.pdbx_Rrim_I_all                               ? 
_reflns_shell.pdbx_Rpim_I_all                               ? 
_reflns_shell.pdbx_rejects                                  ? 
_reflns_shell.pdbx_ordinal                                  1 
_reflns_shell.pdbx_diffrn_id                                1 
_reflns_shell.pdbx_CC_half                                  0.964 
_reflns_shell.pdbx_CC_star                                  ? 
_reflns_shell.pdbx_R_split                                  ? 
_reflns_shell.percent_possible_all                          ? 
_reflns_shell.Rmerge_I_all                                  ? 
_reflns_shell.Rmerge_I_obs                                  ? 
_reflns_shell.pdbx_Rsym_value                               ? 
_reflns_shell.pdbx_percent_possible_ellipsoidal             ? 
_reflns_shell.pdbx_percent_possible_spherical               ? 
_reflns_shell.pdbx_percent_possible_ellipsoidal_anomalous   ? 
_reflns_shell.pdbx_percent_possible_spherical_anomalous     ? 
_reflns_shell.pdbx_redundancy_anomalous                     ? 
_reflns_shell.pdbx_CC_half_anomalous                        ? 
_reflns_shell.pdbx_absDiff_over_sigma_anomalous             ? 
_reflns_shell.pdbx_percent_possible_anomalous               ? 
# 
_refine.aniso_B[1][1]                            -0.002 
_refine.aniso_B[1][2]                            -0.000 
_refine.aniso_B[1][3]                            -0.000 
_refine.aniso_B[2][2]                            -0.001 
_refine.aniso_B[2][3]                            0.000 
_refine.aniso_B[3][3]                            0.002 
_refine.B_iso_max                                ? 
_refine.B_iso_mean                               37.124 
_refine.B_iso_min                                ? 
_refine.correlation_coeff_Fo_to_Fc               0.964 
_refine.correlation_coeff_Fo_to_Fc_free          0.957 
_refine.details                                  'Hydrogens have been added in their riding positions' 
_refine.diff_density_max                         ? 
_refine.diff_density_max_esd                     ? 
_refine.diff_density_min                         ? 
_refine.diff_density_min_esd                     ? 
_refine.diff_density_rms                         ? 
_refine.diff_density_rms_esd                     ? 
_refine.entry_id                                 9FT8 
_refine.pdbx_refine_id                           'X-RAY DIFFRACTION' 
_refine.ls_abs_structure_details                 ? 
_refine.ls_abs_structure_Flack                   ? 
_refine.ls_abs_structure_Flack_esd               ? 
_refine.ls_abs_structure_Rogers                  ? 
_refine.ls_abs_structure_Rogers_esd              ? 
_refine.ls_d_res_high                            1.902 
_refine.ls_d_res_low                             34.321 
_refine.ls_extinction_coef                       ? 
_refine.ls_extinction_coef_esd                   ? 
_refine.ls_extinction_expression                 ? 
_refine.ls_extinction_method                     ? 
_refine.ls_goodness_of_fit_all                   ? 
_refine.ls_goodness_of_fit_all_esd               ? 
_refine.ls_goodness_of_fit_obs                   ? 
_refine.ls_goodness_of_fit_obs_esd               ? 
_refine.ls_hydrogen_treatment                    ? 
_refine.ls_matrix_type                           ? 
_refine.ls_number_constraints                    ? 
_refine.ls_number_parameters                     ? 
_refine.ls_number_reflns_all                     ? 
_refine.ls_number_reflns_obs                     5451 
_refine.ls_number_reflns_R_free                  251 
_refine.ls_number_reflns_R_work                  5200 
_refine.ls_number_restraints                     ? 
_refine.ls_percent_reflns_obs                    99.817 
_refine.ls_percent_reflns_R_free                 4.605 
_refine.ls_R_factor_all                          0.221 
_refine.ls_R_factor_obs                          ? 
_refine.ls_R_factor_R_free                       0.2465 
_refine.ls_R_factor_R_free_error                 ? 
_refine.ls_R_factor_R_free_error_details         ? 
_refine.ls_R_factor_R_work                       0.2193 
_refine.ls_R_Fsqd_factor_obs                     ? 
_refine.ls_R_I_factor_obs                        ? 
_refine.ls_redundancy_reflns_all                 ? 
_refine.ls_redundancy_reflns_obs                 ? 
_refine.ls_restrained_S_all                      ? 
_refine.ls_restrained_S_obs                      ? 
_refine.ls_shift_over_esd_max                    ? 
_refine.ls_shift_over_esd_mean                   ? 
_refine.ls_structure_factor_coef                 ? 
_refine.ls_weighting_details                     ? 
_refine.ls_weighting_scheme                      ? 
_refine.ls_wR_factor_all                         ? 
_refine.ls_wR_factor_obs                         ? 
_refine.ls_wR_factor_R_free                      ? 
_refine.ls_wR_factor_R_work                      ? 
_refine.occupancy_max                            ? 
_refine.occupancy_min                            ? 
_refine.solvent_model_details                    'MASK BULK SOLVENT' 
_refine.solvent_model_param_bsol                 ? 
_refine.solvent_model_param_ksol                 ? 
_refine.pdbx_R_complete                          ? 
_refine.ls_R_factor_gt                           ? 
_refine.ls_goodness_of_fit_gt                    ? 
_refine.ls_goodness_of_fit_ref                   ? 
_refine.ls_shift_over_su_max                     ? 
_refine.ls_shift_over_su_max_lt                  ? 
_refine.ls_shift_over_su_mean                    ? 
_refine.ls_shift_over_su_mean_lt                 ? 
_refine.pdbx_ls_sigma_I                          ? 
_refine.pdbx_ls_sigma_F                          ? 
_refine.pdbx_ls_sigma_Fsqd                       ? 
_refine.pdbx_data_cutoff_high_absF               ? 
_refine.pdbx_data_cutoff_high_rms_absF           ? 
_refine.pdbx_data_cutoff_low_absF                ? 
_refine.pdbx_isotropic_thermal_model             ? 
_refine.pdbx_ls_cross_valid_method               'FREE R-VALUE' 
_refine.pdbx_method_to_determine_struct          'MOLECULAR REPLACEMENT' 
_refine.pdbx_starting_model                      ? 
_refine.pdbx_stereochemistry_target_values       ? 
_refine.pdbx_R_Free_selection_details            ? 
_refine.pdbx_stereochem_target_val_spec_case     ? 
_refine.pdbx_overall_ESU_R                       0.179 
_refine.pdbx_overall_ESU_R_Free                  0.154 
_refine.pdbx_solvent_vdw_probe_radii             1.200 
_refine.pdbx_solvent_ion_probe_radii             0.800 
_refine.pdbx_solvent_shrinkage_radii             0.800 
_refine.pdbx_real_space_R                        ? 
_refine.pdbx_density_correlation                 ? 
_refine.pdbx_pd_number_of_powder_patterns        ? 
_refine.pdbx_pd_number_of_points                 ? 
_refine.pdbx_pd_meas_number_of_points            ? 
_refine.pdbx_pd_proc_ls_prof_R_factor            ? 
_refine.pdbx_pd_proc_ls_prof_wR_factor           ? 
_refine.pdbx_pd_Marquardt_correlation_coeff      ? 
_refine.pdbx_pd_Fsqrd_R_factor                   ? 
_refine.pdbx_pd_ls_matrix_band_width             ? 
_refine.pdbx_overall_phase_error                 ? 
_refine.pdbx_overall_SU_R_free_Cruickshank_DPI   ? 
_refine.pdbx_overall_SU_R_free_Blow_DPI          ? 
_refine.pdbx_overall_SU_R_Blow_DPI               ? 
_refine.pdbx_TLS_residual_ADP_flag               ? 
_refine.pdbx_diffrn_id                           1 
_refine.overall_SU_B                             3.962 
_refine.overall_SU_ML                            0.112 
_refine.overall_SU_R_Cruickshank_DPI             ? 
_refine.overall_SU_R_free                        ? 
_refine.overall_FOM_free_R_set                   ? 
_refine.overall_FOM_work_R_set                   ? 
_refine.pdbx_average_fsc_overall                 ? 
_refine.pdbx_average_fsc_work                    ? 
_refine.pdbx_average_fsc_free                    ? 
# 
_refine_hist.pdbx_refine_id                   'X-RAY DIFFRACTION' 
_refine_hist.cycle_id                         LAST 
_refine_hist.pdbx_number_atoms_protein        0 
_refine_hist.pdbx_number_atoms_nucleic_acid   486 
_refine_hist.pdbx_number_atoms_ligand         38 
_refine_hist.number_atoms_solvent             18 
_refine_hist.number_atoms_total               542 
_refine_hist.d_res_high                       1.902 
_refine_hist.d_res_low                        34.321 
# 
loop_
_refine_ls_restr.pdbx_refine_id 
_refine_ls_restr.criterion 
_refine_ls_restr.dev_ideal 
_refine_ls_restr.dev_ideal_target 
_refine_ls_restr.number 
_refine_ls_restr.rejects 
_refine_ls_restr.type 
_refine_ls_restr.weight 
_refine_ls_restr.pdbx_restraint_function 
'X-RAY DIFFRACTION' ? 0.009 0.011  583 ? r_bond_refined_d               ? ? 
'X-RAY DIFFRACTION' ? 0.016 0.020  300 ? r_bond_other_d                 ? ? 
'X-RAY DIFFRACTION' ? 1.809 1.198  892 ? r_angle_refined_deg            ? ? 
'X-RAY DIFFRACTION' ? 1.691 2.871  705 ? r_angle_other_deg              ? ? 
'X-RAY DIFFRACTION' ? 0.087 0.200  72  ? r_chiral_restr                 ? ? 
'X-RAY DIFFRACTION' ? 0.018 0.020  334 ? r_gen_planes_refined           ? ? 
'X-RAY DIFFRACTION' ? 0.002 0.020  132 ? r_gen_planes_other             ? ? 
'X-RAY DIFFRACTION' ? 0.147 0.200  64  ? r_nbd_refined                  ? ? 
'X-RAY DIFFRACTION' ? 0.216 0.200  395 ? r_symmetry_nbd_other           ? ? 
'X-RAY DIFFRACTION' ? 0.247 0.200  224 ? r_nbtor_refined                ? ? 
'X-RAY DIFFRACTION' ? 0.087 0.200  131 ? r_symmetry_nbtor_other         ? ? 
'X-RAY DIFFRACTION' ? 0.159 0.200  19  ? r_xyhbond_nbd_refined          ? ? 
'X-RAY DIFFRACTION' ? 0.285 0.200  2   ? r_metal_ion_refined            ? ? 
'X-RAY DIFFRACTION' ? 0.276 0.200  5   ? r_symmetry_nbd_refined         ? ? 
'X-RAY DIFFRACTION' ? 0.217 0.200  36  ? r_nbd_other                    ? ? 
'X-RAY DIFFRACTION' ? 0.073 0.200  4   ? r_symmetry_xyhbond_nbd_refined ? ? 
'X-RAY DIFFRACTION' ? 3.490 3.756  583 ? r_scbond_it                    ? ? 
'X-RAY DIFFRACTION' ? 3.488 3.759  584 ? r_scbond_other                 ? ? 
'X-RAY DIFFRACTION' ? 4.823 5.624  892 ? r_scangle_it                   ? ? 
'X-RAY DIFFRACTION' ? 4.820 5.627  893 ? r_scangle_other                ? ? 
'X-RAY DIFFRACTION' ? 8.586 34.614 828 ? r_lrange_it                    ? ? 
'X-RAY DIFFRACTION' ? 8.776 34.498 825 ? r_lrange_other                 ? ? 
# 
loop_
_refine_ls_shell.pdbx_refine_id 
_refine_ls_shell.d_res_high 
_refine_ls_shell.d_res_low 
_refine_ls_shell.number_reflns_all 
_refine_ls_shell.number_reflns_obs 
_refine_ls_shell.number_reflns_R_free 
_refine_ls_shell.number_reflns_R_work 
_refine_ls_shell.percent_reflns_obs 
_refine_ls_shell.percent_reflns_R_free 
_refine_ls_shell.R_factor_all 
_refine_ls_shell.R_factor_obs 
_refine_ls_shell.R_factor_R_free_error 
_refine_ls_shell.R_factor_R_work 
_refine_ls_shell.redundancy_reflns_all 
_refine_ls_shell.redundancy_reflns_obs 
_refine_ls_shell.wR_factor_all 
_refine_ls_shell.wR_factor_obs 
_refine_ls_shell.wR_factor_R_free 
_refine_ls_shell.wR_factor_R_work 
_refine_ls_shell.pdbx_R_complete 
_refine_ls_shell.pdbx_total_number_of_bins_used 
_refine_ls_shell.pdbx_phase_error 
_refine_ls_shell.pdbx_fsc_work 
_refine_ls_shell.pdbx_fsc_free 
_refine_ls_shell.R_factor_R_free 
'X-RAY DIFFRACTION' 1.902 1.951  379 . 11 358 97.3615  . 0.308 . . 0.303 . . . . . 0.258 . 20 . 0.833 0.803 0.448 
'X-RAY DIFFRACTION' 1.951 2.005  385 . 24 361 100.0000 . 0.268 . . 0.268 . . . . . 0.230 . 20 . 0.857 0.832 0.277 
'X-RAY DIFFRACTION' 2.005 2.063  384 . 16 368 100.0000 . 0.289 . . 0.291 . . . . . 0.244 . 20 . 0.862 0.893 0.254 
'X-RAY DIFFRACTION' 2.063 2.126  356 . 17 339 100.0000 . 0.260 . . 0.261 . . . . . 0.214 . 20 . 0.886 0.911 0.249 
'X-RAY DIFFRACTION' 2.126 2.195  340 . 19 321 100.0000 . 0.259 . . 0.254 . . . . . 0.217 . 20 . 0.897 0.837 0.342 
'X-RAY DIFFRACTION' 2.195 2.272  358 . 20 338 100.0000 . 0.257 . . 0.255 . . . . . 0.216 . 20 . 0.901 0.883 0.288 
'X-RAY DIFFRACTION' 2.272 2.357  320 . 14 306 100.0000 . 0.284 . . 0.281 . . . . . 0.245 . 20 . 0.891 0.858 0.358 
'X-RAY DIFFRACTION' 2.357 2.453  326 . 11 315 100.0000 . 0.306 . . 0.300 . . . . . 0.252 . 20 . 0.898 0.816 0.488 
'X-RAY DIFFRACTION' 2.453 2.562  298 . 16 282 100.0000 . 0.282 . . 0.283 . . . . . 0.252 . 20 . 0.895 0.901 0.273 
'X-RAY DIFFRACTION' 2.562 2.686  299 . 15 284 100.0000 . 0.229 . . 0.230 . . . . . 0.220 . 20 . 0.922 0.915 0.218 
'X-RAY DIFFRACTION' 2.686 2.830  276 . 8  268 100.0000 . 0.304 . . 0.303 . . . . . 0.286 . 20 . 0.903 0.907 0.341 
'X-RAY DIFFRACTION' 2.830 3.001  271 . 12 259 100.0000 . 0.274 . . 0.272 . . . . . 0.263 . 20 . 0.905 0.836 0.327 
'X-RAY DIFFRACTION' 3.001 3.206  248 . 10 238 100.0000 . 0.217 . . 0.217 . . . . . 0.245 . 20 . 0.959 0.946 0.221 
'X-RAY DIFFRACTION' 3.206 3.460  244 . 9  235 100.0000 . 0.185 . . 0.188 . . . . . 0.213 . 20 . 0.973 0.990 0.138 
'X-RAY DIFFRACTION' 3.460 3.787  218 . 12 206 100.0000 . 0.187 . . 0.188 . . . . . 0.219 . 20 . 0.970 0.967 0.172 
'X-RAY DIFFRACTION' 3.787 4.227  208 . 7  201 100.0000 . 0.165 . . 0.164 . . . . . 0.184 . 20 . 0.976 0.975 0.187 
'X-RAY DIFFRACTION' 4.227 4.869  180 . 9  171 100.0000 . 0.175 . . 0.170 . . . . . 0.198 . 20 . 0.972 0.889 0.345 
'X-RAY DIFFRACTION' 4.869 5.934  160 . 10 150 100.0000 . 0.169 . . 0.167 . . . . . 0.217 . 20 . 0.976 0.975 0.189 
'X-RAY DIFFRACTION' 5.934 8.269  129 . 7  122 100.0000 . 0.245 . . 0.238 . . . . . 0.278 . 20 . 0.964 0.941 0.352 
'X-RAY DIFFRACTION' 8.269 34.321 82  . 4  78  100.0000 . 0.219 . . 0.219 . . . . . 0.312 . 20 . 0.974 0.920 0.233 
# 
_struct.entry_id                     9FT8 
_struct.title                        'Crystal structure of d(CGTGAATTCACG) with HT1' 
_struct.pdbx_model_details           ? 
_struct.pdbx_formula_weight          ? 
_struct.pdbx_formula_weight_method   ? 
_struct.pdbx_model_type_details      ? 
_struct.pdbx_CASP_flag               N 
# 
_struct_keywords.entry_id        9FT8 
_struct_keywords.text            'DNA, Ligand, Interaction' 
_struct_keywords.pdbx_keywords   DNA 
# 
loop_
_struct_asym.id 
_struct_asym.pdbx_blank_PDB_chainid_flag 
_struct_asym.pdbx_modified 
_struct_asym.entity_id 
_struct_asym.details 
A N N 1 ? 
B N N 1 ? 
C N N 2 ? 
D N N 2 ? 
E N N 3 ? 
F N N 3 ? 
G N N 4 ? 
H N N 5 ? 
I N N 5 ? 
# 
_struct_ref.id                         1 
_struct_ref.db_name                    PDB 
_struct_ref.db_code                    9FT8 
_struct_ref.pdbx_db_accession          9FT8 
_struct_ref.pdbx_db_isoform            ? 
_struct_ref.entity_id                  1 
_struct_ref.pdbx_seq_one_letter_code   ? 
_struct_ref.pdbx_align_begin           1 
# 
loop_
_struct_ref_seq.align_id 
_struct_ref_seq.ref_id 
_struct_ref_seq.pdbx_PDB_id_code 
_struct_ref_seq.pdbx_strand_id 
_struct_ref_seq.seq_align_beg 
_struct_ref_seq.pdbx_seq_align_beg_ins_code 
_struct_ref_seq.seq_align_end 
_struct_ref_seq.pdbx_seq_align_end_ins_code 
_struct_ref_seq.pdbx_db_accession 
_struct_ref_seq.db_align_beg 
_struct_ref_seq.pdbx_db_align_beg_ins_code 
_struct_ref_seq.db_align_end 
_struct_ref_seq.pdbx_db_align_end_ins_code 
_struct_ref_seq.pdbx_auth_seq_align_beg 
_struct_ref_seq.pdbx_auth_seq_align_end 
1 1 9FT8 AAA 1 ? 12 ? 9FT8 1  ? 12 ? 1  12 
2 1 9FT8 BBB 1 ? 12 ? 9FT8 13 ? 24 ? 13 24 
# 
_pdbx_struct_assembly.id                   1 
_pdbx_struct_assembly.details              author_defined_assembly 
_pdbx_struct_assembly.method_details       ? 
_pdbx_struct_assembly.oligomeric_details   dimeric 
_pdbx_struct_assembly.oligomeric_count     2 
# 
loop_
_pdbx_struct_assembly_prop.biol_id 
_pdbx_struct_assembly_prop.type 
_pdbx_struct_assembly_prop.value 
_pdbx_struct_assembly_prop.details 
1 'ABSA (A^2)' 2830 ? 
1 MORE         -33  ? 
1 'SSA (A^2)'  4010 ? 
# 
_pdbx_struct_assembly_gen.assembly_id       1 
_pdbx_struct_assembly_gen.oper_expression   1 
_pdbx_struct_assembly_gen.asym_id_list      A,B,C,D,E,F,G,H,I 
# 
_pdbx_struct_assembly_auth_evidence.id                     1 
_pdbx_struct_assembly_auth_evidence.assembly_id            1 
_pdbx_struct_assembly_auth_evidence.experimental_support   none 
_pdbx_struct_assembly_auth_evidence.details                ? 
# 
_pdbx_struct_oper_list.id                   1 
_pdbx_struct_oper_list.type                 'identity operation' 
_pdbx_struct_oper_list.name                 1_555 
_pdbx_struct_oper_list.symmetry_operation   x,y,z 
_pdbx_struct_oper_list.matrix[1][1]         1.0000000000 
_pdbx_struct_oper_list.matrix[1][2]         0.0000000000 
_pdbx_struct_oper_list.matrix[1][3]         0.0000000000 
_pdbx_struct_oper_list.vector[1]            0.0000000000 
_pdbx_struct_oper_list.matrix[2][1]         0.0000000000 
_pdbx_struct_oper_list.matrix[2][2]         1.0000000000 
_pdbx_struct_oper_list.matrix[2][3]         0.0000000000 
_pdbx_struct_oper_list.vector[2]            0.0000000000 
_pdbx_struct_oper_list.matrix[3][1]         0.0000000000 
_pdbx_struct_oper_list.matrix[3][2]         0.0000000000 
_pdbx_struct_oper_list.matrix[3][3]         1.0000000000 
_pdbx_struct_oper_list.vector[3]            0.0000000000 
# 
loop_
_struct_conn.id 
_struct_conn.conn_type_id 
_struct_conn.pdbx_leaving_atom_flag 
_struct_conn.pdbx_PDB_id 
_struct_conn.ptnr1_label_asym_id 
_struct_conn.ptnr1_label_comp_id 
_struct_conn.ptnr1_label_seq_id 
_struct_conn.ptnr1_label_atom_id 
_struct_conn.pdbx_ptnr1_label_alt_id 
_struct_conn.pdbx_ptnr1_PDB_ins_code 
_struct_conn.pdbx_ptnr1_standard_comp_id 
_struct_conn.ptnr1_symmetry 
_struct_conn.ptnr2_label_asym_id 
_struct_conn.ptnr2_label_comp_id 
_struct_conn.ptnr2_label_seq_id 
_struct_conn.ptnr2_label_atom_id 
_struct_conn.pdbx_ptnr2_label_alt_id 
_struct_conn.pdbx_ptnr2_PDB_ins_code 
_struct_conn.ptnr1_auth_asym_id 
_struct_conn.ptnr1_auth_comp_id 
_struct_conn.ptnr1_auth_seq_id 
_struct_conn.ptnr2_auth_asym_id 
_struct_conn.ptnr2_auth_comp_id 
_struct_conn.ptnr2_auth_seq_id 
_struct_conn.ptnr2_symmetry 
_struct_conn.pdbx_ptnr3_label_atom_id 
_struct_conn.pdbx_ptnr3_label_seq_id 
_struct_conn.pdbx_ptnr3_label_comp_id 
_struct_conn.pdbx_ptnr3_label_asym_id 
_struct_conn.pdbx_ptnr3_label_alt_id 
_struct_conn.pdbx_ptnr3_PDB_ins_code 
_struct_conn.details 
_struct_conn.pdbx_dist_value 
_struct_conn.pdbx_value_order 
_struct_conn.pdbx_role 
metalc1  metalc ? ? A DC 11 "O4'" ? ? ? 1_555 D MG  .  MG ? ? AAA DC 11  AAA MG  102 1_555 ? ? ? ? ? ? ?            2.811 ? ? 
metalc2  metalc ? ? C MG .  MG    ? ? ? 1_555 H HOH .  O  ? ? AAA MG 101 AAA HOH 203 1_555 ? ? ? ? ? ? ?            2.317 ? ? 
metalc3  metalc ? ? C MG .  MG    ? ? ? 1_555 H HOH .  O  ? ? AAA MG 101 AAA HOH 209 3_755 ? ? ? ? ? ? ?            2.088 ? ? 
hydrog1  hydrog ? ? A DC 1  N3    ? ? ? 1_555 B DG  12 N1 ? ? AAA DC 1   BBB DG  24  1_555 ? ? ? ? ? ? WATSON-CRICK ?     ? ? 
hydrog2  hydrog ? ? A DC 1  N4    ? ? ? 1_555 B DG  12 O6 ? ? AAA DC 1   BBB DG  24  1_555 ? ? ? ? ? ? WATSON-CRICK ?     ? ? 
hydrog3  hydrog ? ? A DC 1  O2    ? ? ? 1_555 B DG  12 N2 ? ? AAA DC 1   BBB DG  24  1_555 ? ? ? ? ? ? WATSON-CRICK ?     ? ? 
hydrog4  hydrog ? ? A DG 2  N1    ? ? ? 1_555 B DC  11 N3 ? ? AAA DG 2   BBB DC  23  1_555 ? ? ? ? ? ? WATSON-CRICK ?     ? ? 
hydrog5  hydrog ? ? A DG 2  N2    ? ? ? 1_555 B DC  11 O2 ? ? AAA DG 2   BBB DC  23  1_555 ? ? ? ? ? ? WATSON-CRICK ?     ? ? 
hydrog6  hydrog ? ? A DG 2  O6    ? ? ? 1_555 B DC  11 N4 ? ? AAA DG 2   BBB DC  23  1_555 ? ? ? ? ? ? WATSON-CRICK ?     ? ? 
hydrog7  hydrog ? ? A DT 3  N3    ? ? ? 1_555 B DA  10 N1 ? ? AAA DT 3   BBB DA  22  1_555 ? ? ? ? ? ? WATSON-CRICK ?     ? ? 
hydrog8  hydrog ? ? A DT 3  O4    ? ? ? 1_555 B DA  10 N6 ? ? AAA DT 3   BBB DA  22  1_555 ? ? ? ? ? ? WATSON-CRICK ?     ? ? 
hydrog9  hydrog ? ? A DG 4  N1    ? ? ? 1_555 B DC  9  N3 ? ? AAA DG 4   BBB DC  21  1_555 ? ? ? ? ? ? WATSON-CRICK ?     ? ? 
hydrog10 hydrog ? ? A DG 4  N2    ? ? ? 1_555 B DC  9  O2 ? ? AAA DG 4   BBB DC  21  1_555 ? ? ? ? ? ? WATSON-CRICK ?     ? ? 
hydrog11 hydrog ? ? A DG 4  O6    ? ? ? 1_555 B DC  9  N4 ? ? AAA DG 4   BBB DC  21  1_555 ? ? ? ? ? ? WATSON-CRICK ?     ? ? 
hydrog12 hydrog ? ? A DA 5  N1    ? ? ? 1_555 B DT  8  N3 ? ? AAA DA 5   BBB DT  20  1_555 ? ? ? ? ? ? WATSON-CRICK ?     ? ? 
hydrog13 hydrog ? ? A DA 5  N6    ? ? ? 1_555 B DT  8  O4 ? ? AAA DA 5   BBB DT  20  1_555 ? ? ? ? ? ? WATSON-CRICK ?     ? ? 
hydrog14 hydrog ? ? A DA 6  N1    ? ? ? 1_555 B DT  7  N3 ? ? AAA DA 6   BBB DT  19  1_555 ? ? ? ? ? ? WATSON-CRICK ?     ? ? 
hydrog15 hydrog ? ? A DA 6  N6    ? ? ? 1_555 B DT  7  O4 ? ? AAA DA 6   BBB DT  19  1_555 ? ? ? ? ? ? WATSON-CRICK ?     ? ? 
hydrog16 hydrog ? ? A DT 7  N3    ? ? ? 1_555 B DA  6  N1 ? ? AAA DT 7   BBB DA  18  1_555 ? ? ? ? ? ? WATSON-CRICK ?     ? ? 
hydrog17 hydrog ? ? A DT 7  O4    ? ? ? 1_555 B DA  6  N6 ? ? AAA DT 7   BBB DA  18  1_555 ? ? ? ? ? ? WATSON-CRICK ?     ? ? 
hydrog18 hydrog ? ? A DT 8  N3    ? ? ? 1_555 B DA  5  N1 ? ? AAA DT 8   BBB DA  17  1_555 ? ? ? ? ? ? WATSON-CRICK ?     ? ? 
hydrog19 hydrog ? ? A DT 8  O4    ? ? ? 1_555 B DA  5  N6 ? ? AAA DT 8   BBB DA  17  1_555 ? ? ? ? ? ? WATSON-CRICK ?     ? ? 
hydrog20 hydrog ? ? A DC 9  N3    ? ? ? 1_555 B DG  4  N1 ? ? AAA DC 9   BBB DG  16  1_555 ? ? ? ? ? ? WATSON-CRICK ?     ? ? 
hydrog21 hydrog ? ? A DC 9  N4    ? ? ? 1_555 B DG  4  O6 ? ? AAA DC 9   BBB DG  16  1_555 ? ? ? ? ? ? WATSON-CRICK ?     ? ? 
hydrog22 hydrog ? ? A DC 9  O2    ? ? ? 1_555 B DG  4  N2 ? ? AAA DC 9   BBB DG  16  1_555 ? ? ? ? ? ? WATSON-CRICK ?     ? ? 
hydrog23 hydrog ? ? A DA 10 N1    ? ? ? 1_555 B DT  3  N3 ? ? AAA DA 10  BBB DT  15  1_555 ? ? ? ? ? ? WATSON-CRICK ?     ? ? 
hydrog24 hydrog ? ? A DA 10 N6    ? ? ? 1_555 B DT  3  O4 ? ? AAA DA 10  BBB DT  15  1_555 ? ? ? ? ? ? WATSON-CRICK ?     ? ? 
hydrog25 hydrog ? ? A DC 11 N3    ? ? ? 1_555 B DG  2  N1 ? ? AAA DC 11  BBB DG  14  1_555 ? ? ? ? ? ? WATSON-CRICK ?     ? ? 
hydrog26 hydrog ? ? A DC 11 N4    ? ? ? 1_555 B DG  2  O6 ? ? AAA DC 11  BBB DG  14  1_555 ? ? ? ? ? ? WATSON-CRICK ?     ? ? 
hydrog27 hydrog ? ? A DC 11 O2    ? ? ? 1_555 B DG  2  N2 ? ? AAA DC 11  BBB DG  14  1_555 ? ? ? ? ? ? WATSON-CRICK ?     ? ? 
hydrog28 hydrog ? ? A DG 12 N1    ? ? ? 1_555 B DC  1  N3 ? ? AAA DG 12  BBB DC  13  1_555 ? ? ? ? ? ? WATSON-CRICK ?     ? ? 
hydrog29 hydrog ? ? A DG 12 N2    ? ? ? 1_555 B DC  1  O2 ? ? AAA DG 12  BBB DC  13  1_555 ? ? ? ? ? ? WATSON-CRICK ?     ? ? 
hydrog30 hydrog ? ? A DG 12 O6    ? ? ? 1_555 B DC  1  N4 ? ? AAA DG 12  BBB DC  13  1_555 ? ? ? ? ? ? WATSON-CRICK ?     ? ? 
# 
loop_
_struct_conn_type.id 
_struct_conn_type.criteria 
_struct_conn_type.reference 
metalc ? ? 
hydrog ? ? 
# 
_pdbx_struct_conn_angle.id                    1 
_pdbx_struct_conn_angle.ptnr1_label_atom_id   O 
_pdbx_struct_conn_angle.ptnr1_label_alt_id    ? 
_pdbx_struct_conn_angle.ptnr1_label_asym_id   H 
_pdbx_struct_conn_angle.ptnr1_label_comp_id   HOH 
_pdbx_struct_conn_angle.ptnr1_label_seq_id    . 
_pdbx_struct_conn_angle.ptnr1_auth_atom_id    ? 
_pdbx_struct_conn_angle.ptnr1_auth_asym_id    AAA 
_pdbx_struct_conn_angle.ptnr1_auth_comp_id    HOH 
_pdbx_struct_conn_angle.ptnr1_auth_seq_id     203 
_pdbx_struct_conn_angle.ptnr1_PDB_ins_code    ? 
_pdbx_struct_conn_angle.ptnr1_symmetry        1_555 
_pdbx_struct_conn_angle.ptnr2_label_atom_id   MG 
_pdbx_struct_conn_angle.ptnr2_label_alt_id    ? 
_pdbx_struct_conn_angle.ptnr2_label_asym_id   C 
_pdbx_struct_conn_angle.ptnr2_label_comp_id   MG 
_pdbx_struct_conn_angle.ptnr2_label_seq_id    . 
_pdbx_struct_conn_angle.ptnr2_auth_atom_id    ? 
_pdbx_struct_conn_angle.ptnr2_auth_asym_id    AAA 
_pdbx_struct_conn_angle.ptnr2_auth_comp_id    MG 
_pdbx_struct_conn_angle.ptnr2_auth_seq_id     101 
_pdbx_struct_conn_angle.ptnr2_PDB_ins_code    ? 
_pdbx_struct_conn_angle.ptnr2_symmetry        1_555 
_pdbx_struct_conn_angle.ptnr3_label_atom_id   O 
_pdbx_struct_conn_angle.ptnr3_label_alt_id    ? 
_pdbx_struct_conn_angle.ptnr3_label_asym_id   H 
_pdbx_struct_conn_angle.ptnr3_label_comp_id   HOH 
_pdbx_struct_conn_angle.ptnr3_label_seq_id    . 
_pdbx_struct_conn_angle.ptnr3_auth_atom_id    ? 
_pdbx_struct_conn_angle.ptnr3_auth_asym_id    AAA 
_pdbx_struct_conn_angle.ptnr3_auth_comp_id    HOH 
_pdbx_struct_conn_angle.ptnr3_auth_seq_id     209 
_pdbx_struct_conn_angle.ptnr3_PDB_ins_code    ? 
_pdbx_struct_conn_angle.ptnr3_symmetry        3_755 
_pdbx_struct_conn_angle.value                 101.3 
_pdbx_struct_conn_angle.value_esd             ? 
# 
_pdbx_entry_details.entry_id                   9FT8 
_pdbx_entry_details.has_ligand_of_interest     Y 
_pdbx_entry_details.compound_details           ? 
_pdbx_entry_details.source_details             ? 
_pdbx_entry_details.nonpolymer_details         ? 
_pdbx_entry_details.sequence_details           ? 
_pdbx_entry_details.has_protein_modification   N 
# 
_pdbx_validate_rmsd_angle.id                         1 
_pdbx_validate_rmsd_angle.PDB_model_num              1 
_pdbx_validate_rmsd_angle.auth_atom_id_1             "O5'" 
_pdbx_validate_rmsd_angle.auth_asym_id_1             AAA 
_pdbx_validate_rmsd_angle.auth_comp_id_1             DG 
_pdbx_validate_rmsd_angle.auth_seq_id_1              4 
_pdbx_validate_rmsd_angle.PDB_ins_code_1             ? 
_pdbx_validate_rmsd_angle.label_alt_id_1             ? 
_pdbx_validate_rmsd_angle.auth_atom_id_2             "C5'" 
_pdbx_validate_rmsd_angle.auth_asym_id_2             AAA 
_pdbx_validate_rmsd_angle.auth_comp_id_2             DG 
_pdbx_validate_rmsd_angle.auth_seq_id_2              4 
_pdbx_validate_rmsd_angle.PDB_ins_code_2             ? 
_pdbx_validate_rmsd_angle.label_alt_id_2             ? 
_pdbx_validate_rmsd_angle.auth_atom_id_3             "C4'" 
_pdbx_validate_rmsd_angle.auth_asym_id_3             AAA 
_pdbx_validate_rmsd_angle.auth_comp_id_3             DG 
_pdbx_validate_rmsd_angle.auth_seq_id_3              4 
_pdbx_validate_rmsd_angle.PDB_ins_code_3             ? 
_pdbx_validate_rmsd_angle.label_alt_id_3             ? 
_pdbx_validate_rmsd_angle.angle_value                104.43 
_pdbx_validate_rmsd_angle.angle_target_value         109.40 
_pdbx_validate_rmsd_angle.angle_deviation            -4.97 
_pdbx_validate_rmsd_angle.angle_standard_deviation   0.80 
_pdbx_validate_rmsd_angle.linker_flag                N 
# 
loop_
_chem_comp_atom.comp_id 
_chem_comp_atom.atom_id 
_chem_comp_atom.type_symbol 
_chem_comp_atom.pdbx_aromatic_flag 
_chem_comp_atom.pdbx_stereo_config 
_chem_comp_atom.pdbx_ordinal 
CL  CL     CL N N 1   
DA  OP3    O  N N 2   
DA  P      P  N N 3   
DA  OP1    O  N N 4   
DA  OP2    O  N N 5   
DA  "O5'"  O  N N 6   
DA  "C5'"  C  N N 7   
DA  "C4'"  C  N R 8   
DA  "O4'"  O  N N 9   
DA  "C3'"  C  N S 10  
DA  "O3'"  O  N N 11  
DA  "C2'"  C  N N 12  
DA  "C1'"  C  N R 13  
DA  N9     N  Y N 14  
DA  C8     C  Y N 15  
DA  N7     N  Y N 16  
DA  C5     C  Y N 17  
DA  C6     C  Y N 18  
DA  N6     N  N N 19  
DA  N1     N  Y N 20  
DA  C2     C  Y N 21  
DA  N3     N  Y N 22  
DA  C4     C  Y N 23  
DA  HOP3   H  N N 24  
DA  HOP2   H  N N 25  
DA  "H5'"  H  N N 26  
DA  "H5''" H  N N 27  
DA  "H4'"  H  N N 28  
DA  "H3'"  H  N N 29  
DA  "HO3'" H  N N 30  
DA  "H2'"  H  N N 31  
DA  "H2''" H  N N 32  
DA  "H1'"  H  N N 33  
DA  H8     H  N N 34  
DA  H61    H  N N 35  
DA  H62    H  N N 36  
DA  H2     H  N N 37  
DC  OP3    O  N N 38  
DC  P      P  N N 39  
DC  OP1    O  N N 40  
DC  OP2    O  N N 41  
DC  "O5'"  O  N N 42  
DC  "C5'"  C  N N 43  
DC  "C4'"  C  N R 44  
DC  "O4'"  O  N N 45  
DC  "C3'"  C  N S 46  
DC  "O3'"  O  N N 47  
DC  "C2'"  C  N N 48  
DC  "C1'"  C  N R 49  
DC  N1     N  N N 50  
DC  C2     C  N N 51  
DC  O2     O  N N 52  
DC  N3     N  N N 53  
DC  C4     C  N N 54  
DC  N4     N  N N 55  
DC  C5     C  N N 56  
DC  C6     C  N N 57  
DC  HOP3   H  N N 58  
DC  HOP2   H  N N 59  
DC  "H5'"  H  N N 60  
DC  "H5''" H  N N 61  
DC  "H4'"  H  N N 62  
DC  "H3'"  H  N N 63  
DC  "HO3'" H  N N 64  
DC  "H2'"  H  N N 65  
DC  "H2''" H  N N 66  
DC  "H1'"  H  N N 67  
DC  H41    H  N N 68  
DC  H42    H  N N 69  
DC  H5     H  N N 70  
DC  H6     H  N N 71  
DG  OP3    O  N N 72  
DG  P      P  N N 73  
DG  OP1    O  N N 74  
DG  OP2    O  N N 75  
DG  "O5'"  O  N N 76  
DG  "C5'"  C  N N 77  
DG  "C4'"  C  N R 78  
DG  "O4'"  O  N N 79  
DG  "C3'"  C  N S 80  
DG  "O3'"  O  N N 81  
DG  "C2'"  C  N N 82  
DG  "C1'"  C  N R 83  
DG  N9     N  Y N 84  
DG  C8     C  Y N 85  
DG  N7     N  Y N 86  
DG  C5     C  Y N 87  
DG  C6     C  N N 88  
DG  O6     O  N N 89  
DG  N1     N  N N 90  
DG  C2     C  N N 91  
DG  N2     N  N N 92  
DG  N3     N  N N 93  
DG  C4     C  Y N 94  
DG  HOP3   H  N N 95  
DG  HOP2   H  N N 96  
DG  "H5'"  H  N N 97  
DG  "H5''" H  N N 98  
DG  "H4'"  H  N N 99  
DG  "H3'"  H  N N 100 
DG  "HO3'" H  N N 101 
DG  "H2'"  H  N N 102 
DG  "H2''" H  N N 103 
DG  "H1'"  H  N N 104 
DG  H8     H  N N 105 
DG  H1     H  N N 106 
DG  H21    H  N N 107 
DG  H22    H  N N 108 
DT  OP3    O  N N 109 
DT  P      P  N N 110 
DT  OP1    O  N N 111 
DT  OP2    O  N N 112 
DT  "O5'"  O  N N 113 
DT  "C5'"  C  N N 114 
DT  "C4'"  C  N R 115 
DT  "O4'"  O  N N 116 
DT  "C3'"  C  N S 117 
DT  "O3'"  O  N N 118 
DT  "C2'"  C  N N 119 
DT  "C1'"  C  N R 120 
DT  N1     N  N N 121 
DT  C2     C  N N 122 
DT  O2     O  N N 123 
DT  N3     N  N N 124 
DT  C4     C  N N 125 
DT  O4     O  N N 126 
DT  C5     C  N N 127 
DT  C7     C  N N 128 
DT  C6     C  N N 129 
DT  HOP3   H  N N 130 
DT  HOP2   H  N N 131 
DT  "H5'"  H  N N 132 
DT  "H5''" H  N N 133 
DT  "H4'"  H  N N 134 
DT  "H3'"  H  N N 135 
DT  "HO3'" H  N N 136 
DT  "H2'"  H  N N 137 
DT  "H2''" H  N N 138 
DT  "H1'"  H  N N 139 
DT  H3     H  N N 140 
DT  H71    H  N N 141 
DT  H72    H  N N 142 
DT  H73    H  N N 143 
DT  H6     H  N N 144 
HOH O      O  N N 145 
HOH H1     H  N N 146 
HOH H2     H  N N 147 
HT1 C1     C  Y N 148 
HT1 O1     O  N N 149 
HT1 C2     C  Y N 150 
HT1 C3     C  Y N 151 
HT1 C4     C  Y N 152 
HT1 C5     C  Y N 153 
HT1 C6     C  Y N 154 
HT1 C7     C  Y N 155 
HT1 N1     N  Y N 156 
HT1 C8     C  Y N 157 
HT1 C9     C  Y N 158 
HT1 N2     N  Y N 159 
HT1 C10    C  Y N 160 
HT1 C11    C  Y N 161 
HT1 C12    C  Y N 162 
HT1 C13    C  Y N 163 
HT1 C14    C  Y N 164 
HT1 N3     N  Y N 165 
HT1 C15    C  Y N 166 
HT1 C16    C  Y N 167 
HT1 N4     N  Y N 168 
HT1 C17    C  Y N 169 
HT1 C18    C  Y N 170 
HT1 C19    C  Y N 171 
HT1 C20    C  Y N 172 
HT1 N5     N  N N 173 
HT1 C21    C  N N 174 
HT1 C22    C  N N 175 
HT1 N6     N  N N 176 
HT1 C23    C  N N 177 
HT1 C24    C  N N 178 
HT1 C25    C  N N 179 
HT1 C26    C  N N 180 
HT1 C27    C  N N 181 
HT1 H2     H  N N 182 
HT1 H3     H  N N 183 
HT1 H5     H  N N 184 
HT1 H6     H  N N 185 
HT1 HN1    H  N N 186 
HT1 H10    H  N N 187 
HT1 H11    H  N N 188 
HT1 H13    H  N N 189 
HT1 HN3    H  N N 190 
HT1 H17    H  N N 191 
HT1 H18    H  N N 192 
HT1 H20    H  N N 193 
HT1 H211   H  N N 194 
HT1 H212   H  N N 195 
HT1 H221   H  N N 196 
HT1 H222   H  N N 197 
HT1 H231   H  N N 198 
HT1 H232   H  N N 199 
HT1 H241   H  N N 200 
HT1 H242   H  N N 201 
HT1 H251   H  N N 202 
HT1 H252   H  N N 203 
HT1 H253   H  N N 204 
HT1 H261   H  N N 205 
HT1 H262   H  N N 206 
HT1 H271   H  N N 207 
HT1 H272   H  N N 208 
HT1 H273   H  N N 209 
MG  MG     MG N N 210 
# 
loop_
_chem_comp_bond.comp_id 
_chem_comp_bond.atom_id_1 
_chem_comp_bond.atom_id_2 
_chem_comp_bond.value_order 
_chem_comp_bond.pdbx_aromatic_flag 
_chem_comp_bond.pdbx_stereo_config 
_chem_comp_bond.pdbx_ordinal 
DA  OP3   P      sing N N 1   
DA  OP3   HOP3   sing N N 2   
DA  P     OP1    doub N N 3   
DA  P     OP2    sing N N 4   
DA  P     "O5'"  sing N N 5   
DA  OP2   HOP2   sing N N 6   
DA  "O5'" "C5'"  sing N N 7   
DA  "C5'" "C4'"  sing N N 8   
DA  "C5'" "H5'"  sing N N 9   
DA  "C5'" "H5''" sing N N 10  
DA  "C4'" "O4'"  sing N N 11  
DA  "C4'" "C3'"  sing N N 12  
DA  "C4'" "H4'"  sing N N 13  
DA  "O4'" "C1'"  sing N N 14  
DA  "C3'" "O3'"  sing N N 15  
DA  "C3'" "C2'"  sing N N 16  
DA  "C3'" "H3'"  sing N N 17  
DA  "O3'" "HO3'" sing N N 18  
DA  "C2'" "C1'"  sing N N 19  
DA  "C2'" "H2'"  sing N N 20  
DA  "C2'" "H2''" sing N N 21  
DA  "C1'" N9     sing N N 22  
DA  "C1'" "H1'"  sing N N 23  
DA  N9    C8     sing Y N 24  
DA  N9    C4     sing Y N 25  
DA  C8    N7     doub Y N 26  
DA  C8    H8     sing N N 27  
DA  N7    C5     sing Y N 28  
DA  C5    C6     sing Y N 29  
DA  C5    C4     doub Y N 30  
DA  C6    N6     sing N N 31  
DA  C6    N1     doub Y N 32  
DA  N6    H61    sing N N 33  
DA  N6    H62    sing N N 34  
DA  N1    C2     sing Y N 35  
DA  C2    N3     doub Y N 36  
DA  C2    H2     sing N N 37  
DA  N3    C4     sing Y N 38  
DC  OP3   P      sing N N 39  
DC  OP3   HOP3   sing N N 40  
DC  P     OP1    doub N N 41  
DC  P     OP2    sing N N 42  
DC  P     "O5'"  sing N N 43  
DC  OP2   HOP2   sing N N 44  
DC  "O5'" "C5'"  sing N N 45  
DC  "C5'" "C4'"  sing N N 46  
DC  "C5'" "H5'"  sing N N 47  
DC  "C5'" "H5''" sing N N 48  
DC  "C4'" "O4'"  sing N N 49  
DC  "C4'" "C3'"  sing N N 50  
DC  "C4'" "H4'"  sing N N 51  
DC  "O4'" "C1'"  sing N N 52  
DC  "C3'" "O3'"  sing N N 53  
DC  "C3'" "C2'"  sing N N 54  
DC  "C3'" "H3'"  sing N N 55  
DC  "O3'" "HO3'" sing N N 56  
DC  "C2'" "C1'"  sing N N 57  
DC  "C2'" "H2'"  sing N N 58  
DC  "C2'" "H2''" sing N N 59  
DC  "C1'" N1     sing N N 60  
DC  "C1'" "H1'"  sing N N 61  
DC  N1    C2     sing N N 62  
DC  N1    C6     sing N N 63  
DC  C2    O2     doub N N 64  
DC  C2    N3     sing N N 65  
DC  N3    C4     doub N N 66  
DC  C4    N4     sing N N 67  
DC  C4    C5     sing N N 68  
DC  N4    H41    sing N N 69  
DC  N4    H42    sing N N 70  
DC  C5    C6     doub N N 71  
DC  C5    H5     sing N N 72  
DC  C6    H6     sing N N 73  
DG  OP3   P      sing N N 74  
DG  OP3   HOP3   sing N N 75  
DG  P     OP1    doub N N 76  
DG  P     OP2    sing N N 77  
DG  P     "O5'"  sing N N 78  
DG  OP2   HOP2   sing N N 79  
DG  "O5'" "C5'"  sing N N 80  
DG  "C5'" "C4'"  sing N N 81  
DG  "C5'" "H5'"  sing N N 82  
DG  "C5'" "H5''" sing N N 83  
DG  "C4'" "O4'"  sing N N 84  
DG  "C4'" "C3'"  sing N N 85  
DG  "C4'" "H4'"  sing N N 86  
DG  "O4'" "C1'"  sing N N 87  
DG  "C3'" "O3'"  sing N N 88  
DG  "C3'" "C2'"  sing N N 89  
DG  "C3'" "H3'"  sing N N 90  
DG  "O3'" "HO3'" sing N N 91  
DG  "C2'" "C1'"  sing N N 92  
DG  "C2'" "H2'"  sing N N 93  
DG  "C2'" "H2''" sing N N 94  
DG  "C1'" N9     sing N N 95  
DG  "C1'" "H1'"  sing N N 96  
DG  N9    C8     sing Y N 97  
DG  N9    C4     sing Y N 98  
DG  C8    N7     doub Y N 99  
DG  C8    H8     sing N N 100 
DG  N7    C5     sing Y N 101 
DG  C5    C6     sing N N 102 
DG  C5    C4     doub Y N 103 
DG  C6    O6     doub N N 104 
DG  C6    N1     sing N N 105 
DG  N1    C2     sing N N 106 
DG  N1    H1     sing N N 107 
DG  C2    N2     sing N N 108 
DG  C2    N3     doub N N 109 
DG  N2    H21    sing N N 110 
DG  N2    H22    sing N N 111 
DG  N3    C4     sing N N 112 
DT  OP3   P      sing N N 113 
DT  OP3   HOP3   sing N N 114 
DT  P     OP1    doub N N 115 
DT  P     OP2    sing N N 116 
DT  P     "O5'"  sing N N 117 
DT  OP2   HOP2   sing N N 118 
DT  "O5'" "C5'"  sing N N 119 
DT  "C5'" "C4'"  sing N N 120 
DT  "C5'" "H5'"  sing N N 121 
DT  "C5'" "H5''" sing N N 122 
DT  "C4'" "O4'"  sing N N 123 
DT  "C4'" "C3'"  sing N N 124 
DT  "C4'" "H4'"  sing N N 125 
DT  "O4'" "C1'"  sing N N 126 
DT  "C3'" "O3'"  sing N N 127 
DT  "C3'" "C2'"  sing N N 128 
DT  "C3'" "H3'"  sing N N 129 
DT  "O3'" "HO3'" sing N N 130 
DT  "C2'" "C1'"  sing N N 131 
DT  "C2'" "H2'"  sing N N 132 
DT  "C2'" "H2''" sing N N 133 
DT  "C1'" N1     sing N N 134 
DT  "C1'" "H1'"  sing N N 135 
DT  N1    C2     sing N N 136 
DT  N1    C6     sing N N 137 
DT  C2    O2     doub N N 138 
DT  C2    N3     sing N N 139 
DT  N3    C4     sing N N 140 
DT  N3    H3     sing N N 141 
DT  C4    O4     doub N N 142 
DT  C4    C5     sing N N 143 
DT  C5    C7     sing N N 144 
DT  C5    C6     doub N N 145 
DT  C7    H71    sing N N 146 
DT  C7    H72    sing N N 147 
DT  C7    H73    sing N N 148 
DT  C6    H6     sing N N 149 
HOH O     H1     sing N N 150 
HOH O     H2     sing N N 151 
HT1 C1    O1     sing N N 152 
HT1 C1    C2     doub Y N 153 
HT1 C1    C6     sing Y N 154 
HT1 O1    C26    sing N N 155 
HT1 C2    C3     sing Y N 156 
HT1 C2    H2     sing N N 157 
HT1 C3    C4     doub Y N 158 
HT1 C3    H3     sing N N 159 
HT1 C4    C5     sing Y N 160 
HT1 C4    C7     sing Y N 161 
HT1 C5    C6     doub Y N 162 
HT1 C5    H5     sing N N 163 
HT1 C6    H6     sing N N 164 
HT1 C7    N1     sing Y N 165 
HT1 C7    N2     doub Y N 166 
HT1 N1    C8     sing Y N 167 
HT1 N1    HN1    sing N N 168 
HT1 C8    C9     doub Y N 169 
HT1 C8    C13    sing Y N 170 
HT1 C9    N2     sing Y N 171 
HT1 C9    C10    sing Y N 172 
HT1 C10   C11    doub Y N 173 
HT1 C10   H10    sing N N 174 
HT1 C11   C12    sing Y N 175 
HT1 C11   H11    sing N N 176 
HT1 C12   C13    doub Y N 177 
HT1 C12   C14    sing Y N 178 
HT1 C13   H13    sing N N 179 
HT1 C14   N3     sing Y N 180 
HT1 C14   N4     doub Y N 181 
HT1 N3    C15    sing Y N 182 
HT1 N3    HN3    sing N N 183 
HT1 C15   C16    doub Y N 184 
HT1 C15   C20    sing Y N 185 
HT1 C16   N4     sing Y N 186 
HT1 C16   C17    sing Y N 187 
HT1 C17   C18    doub Y N 188 
HT1 C17   H17    sing N N 189 
HT1 C18   C19    sing Y N 190 
HT1 C18   H18    sing N N 191 
HT1 C19   C20    doub Y N 192 
HT1 C19   N5     sing N N 193 
HT1 C20   H20    sing N N 194 
HT1 N5    C21    sing N N 195 
HT1 N5    C24    sing N N 196 
HT1 C21   C22    sing N N 197 
HT1 C21   H211   sing N N 198 
HT1 C21   H212   sing N N 199 
HT1 C22   N6     sing N N 200 
HT1 C22   H221   sing N N 201 
HT1 C22   H222   sing N N 202 
HT1 N6    C23    sing N N 203 
HT1 N6    C25    sing N N 204 
HT1 C23   C24    sing N N 205 
HT1 C23   H231   sing N N 206 
HT1 C23   H232   sing N N 207 
HT1 C24   H241   sing N N 208 
HT1 C24   H242   sing N N 209 
HT1 C25   H251   sing N N 210 
HT1 C25   H252   sing N N 211 
HT1 C25   H253   sing N N 212 
HT1 C26   C27    sing N N 213 
HT1 C26   H261   sing N N 214 
HT1 C26   H262   sing N N 215 
HT1 C27   H271   sing N N 216 
HT1 C27   H272   sing N N 217 
HT1 C27   H273   sing N N 218 
# 
loop_
_ndb_struct_conf_na.entry_id 
_ndb_struct_conf_na.feature 
9FT8 'double helix'        
9FT8 'b-form double helix' 
# 
loop_
_ndb_struct_na_base_pair.model_number 
_ndb_struct_na_base_pair.i_label_asym_id 
_ndb_struct_na_base_pair.i_label_comp_id 
_ndb_struct_na_base_pair.i_label_seq_id 
_ndb_struct_na_base_pair.i_symmetry 
_ndb_struct_na_base_pair.j_label_asym_id 
_ndb_struct_na_base_pair.j_label_comp_id 
_ndb_struct_na_base_pair.j_label_seq_id 
_ndb_struct_na_base_pair.j_symmetry 
_ndb_struct_na_base_pair.shear 
_ndb_struct_na_base_pair.stretch 
_ndb_struct_na_base_pair.stagger 
_ndb_struct_na_base_pair.buckle 
_ndb_struct_na_base_pair.propeller 
_ndb_struct_na_base_pair.opening 
_ndb_struct_na_base_pair.pair_number 
_ndb_struct_na_base_pair.pair_name 
_ndb_struct_na_base_pair.i_auth_asym_id 
_ndb_struct_na_base_pair.i_auth_seq_id 
_ndb_struct_na_base_pair.i_PDB_ins_code 
_ndb_struct_na_base_pair.j_auth_asym_id 
_ndb_struct_na_base_pair.j_auth_seq_id 
_ndb_struct_na_base_pair.j_PDB_ins_code 
_ndb_struct_na_base_pair.hbond_type_28 
_ndb_struct_na_base_pair.hbond_type_12 
1 A DC 1  1_555 B DG 12 1_555 0.413  -0.226 -0.016 6.534   -14.165 0.702  1  AAA_DC1:DG24_BBB  AAA 1  ? BBB 24 ? 19 1 
1 A DG 2  1_555 B DC 11 1_555 -0.304 -0.200 -0.178 -5.511  -9.890  -3.598 2  AAA_DG2:DC23_BBB  AAA 2  ? BBB 23 ? 19 1 
1 A DT 3  1_555 B DA 10 1_555 -0.311 -0.158 -0.085 -0.243  -8.829  -1.348 3  AAA_DT3:DA22_BBB  AAA 3  ? BBB 22 ? 20 1 
1 A DG 4  1_555 B DC 9  1_555 -0.366 -0.179 -0.158 11.961  -8.826  -0.305 4  AAA_DG4:DC21_BBB  AAA 4  ? BBB 21 ? 19 1 
1 A DA 5  1_555 B DT 8  1_555 -0.002 -0.125 -0.130 8.352   -14.983 2.246  5  AAA_DA5:DT20_BBB  AAA 5  ? BBB 20 ? 20 1 
1 A DA 6  1_555 B DT 7  1_555 0.041  -0.080 0.059  5.478   -17.168 4.763  6  AAA_DA6:DT19_BBB  AAA 6  ? BBB 19 ? 20 1 
1 A DT 7  1_555 B DA 6  1_555 -0.040 -0.121 0.154  -2.030  -19.435 4.228  7  AAA_DT7:DA18_BBB  AAA 7  ? BBB 18 ? 20 1 
1 A DT 8  1_555 B DA 5  1_555 -0.014 -0.207 -0.014 -4.766  -15.397 1.022  8  AAA_DT8:DA17_BBB  AAA 8  ? BBB 17 ? 20 1 
1 A DC 9  1_555 B DG 4  1_555 0.312  -0.065 -0.138 -10.349 -11.584 0.357  9  AAA_DC9:DG16_BBB  AAA 9  ? BBB 16 ? 19 1 
1 A DA 10 1_555 B DT 3  1_555 0.023  -0.171 0.132  5.967   -11.006 4.292  10 AAA_DA10:DT15_BBB AAA 10 ? BBB 15 ? 20 1 
1 A DC 11 1_555 B DG 2  1_555 0.091  -0.118 0.212  4.310   -19.177 -0.794 11 AAA_DC11:DG14_BBB AAA 11 ? BBB 14 ? 19 1 
1 A DG 12 1_555 B DC 1  1_555 -0.405 -0.196 -0.007 11.777  19.058  -4.487 12 AAA_DG12:DC13_BBB AAA 12 ? BBB 13 ? 19 1 
# 
loop_
_ndb_struct_na_base_pair_step.model_number 
_ndb_struct_na_base_pair_step.i_label_asym_id_1 
_ndb_struct_na_base_pair_step.i_label_comp_id_1 
_ndb_struct_na_base_pair_step.i_label_seq_id_1 
_ndb_struct_na_base_pair_step.i_symmetry_1 
_ndb_struct_na_base_pair_step.j_label_asym_id_1 
_ndb_struct_na_base_pair_step.j_label_comp_id_1 
_ndb_struct_na_base_pair_step.j_label_seq_id_1 
_ndb_struct_na_base_pair_step.j_symmetry_1 
_ndb_struct_na_base_pair_step.i_label_asym_id_2 
_ndb_struct_na_base_pair_step.i_label_comp_id_2 
_ndb_struct_na_base_pair_step.i_label_seq_id_2 
_ndb_struct_na_base_pair_step.i_symmetry_2 
_ndb_struct_na_base_pair_step.j_label_asym_id_2 
_ndb_struct_na_base_pair_step.j_label_comp_id_2 
_ndb_struct_na_base_pair_step.j_label_seq_id_2 
_ndb_struct_na_base_pair_step.j_symmetry_2 
_ndb_struct_na_base_pair_step.shift 
_ndb_struct_na_base_pair_step.slide 
_ndb_struct_na_base_pair_step.rise 
_ndb_struct_na_base_pair_step.tilt 
_ndb_struct_na_base_pair_step.roll 
_ndb_struct_na_base_pair_step.twist 
_ndb_struct_na_base_pair_step.x_displacement 
_ndb_struct_na_base_pair_step.y_displacement 
_ndb_struct_na_base_pair_step.helical_rise 
_ndb_struct_na_base_pair_step.inclination 
_ndb_struct_na_base_pair_step.tip 
_ndb_struct_na_base_pair_step.helical_twist 
_ndb_struct_na_base_pair_step.step_number 
_ndb_struct_na_base_pair_step.step_name 
_ndb_struct_na_base_pair_step.i_auth_asym_id_1 
_ndb_struct_na_base_pair_step.i_auth_seq_id_1 
_ndb_struct_na_base_pair_step.i_PDB_ins_code_1 
_ndb_struct_na_base_pair_step.j_auth_asym_id_1 
_ndb_struct_na_base_pair_step.j_auth_seq_id_1 
_ndb_struct_na_base_pair_step.j_PDB_ins_code_1 
_ndb_struct_na_base_pair_step.i_auth_asym_id_2 
_ndb_struct_na_base_pair_step.i_auth_seq_id_2 
_ndb_struct_na_base_pair_step.i_PDB_ins_code_2 
_ndb_struct_na_base_pair_step.j_auth_asym_id_2 
_ndb_struct_na_base_pair_step.j_auth_seq_id_2 
_ndb_struct_na_base_pair_step.j_PDB_ins_code_2 
1 A DC 1  1_555 B DG 12 1_555 A DG 2  1_555 B DC 11 1_555 -0.439 0.085  3.546 1.018  9.603  36.936 -1.191 0.812  3.448 14.848  
-1.574 38.135 1  AAAAAA_DC1DG2:DC23DG24_BBBBBB   AAA 1  ? BBB 24 ? AAA 2  ? BBB 23 ? 
1 A DG 2  1_555 B DC 11 1_555 A DT 3  1_555 B DA 10 1_555 0.264  -0.051 3.190 -0.714 0.076  29.961 -0.115 -0.654 3.183 0.147   
1.382  29.970 2  AAAAAA_DG2DT3:DA22DC23_BBBBBB   AAA 2  ? BBB 23 ? AAA 3  ? BBB 22 ? 
1 A DT 3  1_555 B DA 10 1_555 A DG 4  1_555 B DC 9  1_555 0.018  0.993  3.166 0.977  6.889  31.659 0.566  0.140  3.302 12.439  
-1.764 32.396 3  AAAAAA_DT3DG4:DC21DA22_BBBBBB   AAA 3  ? BBB 22 ? AAA 4  ? BBB 21 ? 
1 A DG 4  1_555 B DC 9  1_555 A DA 5  1_555 B DT 8  1_555 -0.259 0.299  3.358 -0.715 2.675  40.462 0.124  0.291  3.374 3.863   
1.033  40.553 4  AAAAAA_DG4DA5:DT20DC21_BBBBBB   AAA 4  ? BBB 21 ? AAA 5  ? BBB 20 ? 
1 A DA 5  1_555 B DT 8  1_555 A DA 6  1_555 B DT 7  1_555 0.244  -0.226 3.229 -1.674 4.140  35.171 -0.968 -0.641 3.168 6.817   
2.757  35.444 5  AAAAAA_DA5DA6:DT19DT20_BBBBBB   AAA 5  ? BBB 20 ? AAA 6  ? BBB 19 ? 
1 A DA 6  1_555 B DT 7  1_555 A DT 7  1_555 B DA 6  1_555 0.052  -0.660 3.379 -0.138 -1.169 33.843 -0.938 -0.113 3.399 -2.007  
0.237  33.863 6  AAAAAA_DA6DT7:DA18DT19_BBBBBB   AAA 6  ? BBB 19 ? AAA 7  ? BBB 18 ? 
1 A DT 7  1_555 B DA 6  1_555 A DT 8  1_555 B DA 5  1_555 -0.141 -0.258 3.232 2.857  0.940  35.660 -0.554 0.634  3.204 1.532   
-4.655 35.782 7  AAAAAA_DT7DT8:DA17DA18_BBBBBB   AAA 7  ? BBB 18 ? AAA 8  ? BBB 17 ? 
1 A DT 8  1_555 B DA 5  1_555 A DC 9  1_555 B DG 4  1_555 -0.084 -0.091 3.330 2.452  1.023  41.129 -0.241 0.389  3.316 1.455   
-3.486 41.211 8  AAAAAA_DT8DC9:DG16DA17_BBBBBB   AAA 8  ? BBB 17 ? AAA 9  ? BBB 16 ? 
1 A DC 9  1_555 B DG 4  1_555 A DA 10 1_555 B DT 3  1_555 0.500  1.232  3.003 -2.203 4.013  28.316 1.639  -1.475 3.098 8.137   
4.465  28.676 9  AAAAAA_DC9DA10:DT15DG16_BBBBBB  AAA 9  ? BBB 16 ? AAA 10 ? BBB 15 ? 
1 A DA 10 1_555 B DT 3  1_555 A DC 11 1_555 B DG 2  1_555 -0.976 0.890  3.378 -3.267 -8.291 44.849 1.886  0.965  3.233 -10.742 
4.233  45.681 10 AAAAAA_DA10DC11:DG14DT15_BBBBBB AAA 10 ? BBB 15 ? AAA 11 ? BBB 14 ? 
1 A DC 11 1_555 B DG 2  1_555 A DG 12 1_555 B DC 1  1_555 1.123  0.767  3.408 1.882  -9.988 32.239 2.970  -1.623 3.099 -17.453 
-3.289 33.763 11 AAAAAA_DC11DG12:DC13DG14_BBBBBB AAA 11 ? BBB 14 ? AAA 12 ? BBB 13 ? 
# 
_pdbx_audit_support.funding_organization   'Bulgarian National Science Fund' 
_pdbx_audit_support.country                Bulgaria 
_pdbx_audit_support.grant_number           KP-06-KOCT/5 
_pdbx_audit_support.ordinal                1 
# 
_pdbx_initial_refinement_model.id               1 
_pdbx_initial_refinement_model.entity_id_list   ? 
_pdbx_initial_refinement_model.type             'experimental model' 
_pdbx_initial_refinement_model.source_name      PDB 
_pdbx_initial_refinement_model.accession_code   5JU4 
_pdbx_initial_refinement_model.details          ? 
# 
_atom_sites.entry_id                    9FT8 
_atom_sites.Cartn_transf_matrix[1][1]   ? 
_atom_sites.Cartn_transf_matrix[1][2]   ? 
_atom_sites.Cartn_transf_matrix[1][3]   ? 
_atom_sites.Cartn_transf_matrix[2][1]   ? 
_atom_sites.Cartn_transf_matrix[2][2]   ? 
_atom_sites.Cartn_transf_matrix[2][3]   ? 
_atom_sites.Cartn_transf_matrix[3][1]   ? 
_atom_sites.Cartn_transf_matrix[3][2]   ? 
_atom_sites.Cartn_transf_matrix[3][3]   ? 
_atom_sites.Cartn_transf_vector[1]      ? 
_atom_sites.Cartn_transf_vector[2]      ? 
_atom_sites.Cartn_transf_vector[3]      ? 
_atom_sites.Cartn_transform_axes        ? 
_atom_sites.fract_transf_matrix[1][1]   -0.00744767 
_atom_sites.fract_transf_matrix[1][2]   -0.03380716 
_atom_sites.fract_transf_matrix[1][3]   0.02133089 
_atom_sites.fract_transf_matrix[2][1]   0.01337637 
_atom_sites.fract_transf_matrix[2][2]   -0.01313920 
_atom_sites.fract_transf_matrix[2][3]   -0.01615386 
_atom_sites.fract_transf_matrix[3][1]   0.01262724 
_atom_sites.fract_transf_matrix[3][2]   0.00252154 
_atom_sites.fract_transf_matrix[3][3]   0.00840516 
_atom_sites.fract_transf_vector[1]      1.076055 
_atom_sites.fract_transf_vector[2]      2.018571 
_atom_sites.fract_transf_vector[3]      0.134004 
_atom_sites.solution_primary            ? 
_atom_sites.solution_secondary          ? 
_atom_sites.solution_hydrogens          ? 
_atom_sites.special_details             ? 
# 
loop_
_atom_type.symbol 
_atom_type.pdbx_scat_Z 
_atom_type.pdbx_N_electrons 
_atom_type.scat_Cromer_Mann_a1 
_atom_type.scat_Cromer_Mann_b1 
_atom_type.scat_Cromer_Mann_a2 
_atom_type.scat_Cromer_Mann_b2 
_atom_type.scat_Cromer_Mann_a3 
_atom_type.scat_Cromer_Mann_b3 
_atom_type.scat_Cromer_Mann_a4 
_atom_type.scat_Cromer_Mann_b4 
_atom_type.scat_Cromer_Mann_c 
C  6  6  2.310  20.844 1.020 10.208 1.589 0.569  0.865 51.651 0.216   
CL 17 17 11.460 0.010  7.196 1.166  6.255 18.519 1.645 47.778 -9.338  
H  1  1  0.493  10.511 0.323 26.126 0.140 3.142  0.041 57.800 0.003   
MG 12 12 5.427  2.828  2.176 79.261 1.228 0.381  2.310 7.194  0.938   
N  7  7  12.222 0.006  3.135 9.893  2.014 28.997 1.167 0.583  -11.538 
O  8  8  3.049  13.277 2.287 5.701  1.546 0.324  0.867 32.909 0.251   
P  15 15 6.435  1.907  4.179 27.157 1.780 0.526  1.491 68.164 1.273   
# 
loop_
_atom_site.group_PDB 
_atom_site.id 
_atom_site.type_symbol 
_atom_site.label_atom_id 
_atom_site.label_alt_id 
_atom_site.label_comp_id 
_atom_site.label_asym_id 
_atom_site.label_entity_id 
_atom_site.label_seq_id 
_atom_site.pdbx_PDB_ins_code 
_atom_site.Cartn_x 
_atom_site.Cartn_y 
_atom_site.Cartn_z 
_atom_site.occupancy 
_atom_site.B_iso_or_equiv 
_atom_site.pdbx_formal_charge 
_atom_site.auth_seq_id 
_atom_site.auth_comp_id 
_atom_site.auth_asym_id 
_atom_site.auth_atom_id 
_atom_site.pdbx_PDB_model_num 
_atom_site.calc_flag 
ATOM   1   O  "O5'" . DC  A 1 1  ? 18.512  -9.456  2.476   1.000 39.998  ? 1   DC  AAA "O5'" 1 ? 
ATOM   2   C  "C5'" . DC  A 1 1  ? 18.532  -8.212  3.151   1.000 37.714  ? 1   DC  AAA "C5'" 1 ? 
ATOM   3   C  "C4'" . DC  A 1 1  ? 17.583  -8.235  4.325   1.000 35.493  ? 1   DC  AAA "C4'" 1 ? 
ATOM   4   O  "O4'" . DC  A 1 1  ? 17.588  -6.907  4.901   1.000 35.066  ? 1   DC  AAA "O4'" 1 ? 
ATOM   5   C  "C3'" . DC  A 1 1  ? 16.115  -8.541  4.020   1.000 36.381  ? 1   DC  AAA "C3'" 1 ? 
ATOM   6   O  "O3'" . DC  A 1 1  ? 15.622  -9.344  5.120   1.000 40.349  ? 1   DC  AAA "O3'" 1 ? 
ATOM   7   C  "C2'" . DC  A 1 1  ? 15.495  -7.155  3.922   1.000 35.430  ? 1   DC  AAA "C2'" 1 ? 
ATOM   8   C  "C1'" . DC  A 1 1  ? 16.273  -6.411  4.980   1.000 31.297  ? 1   DC  AAA "C1'" 1 ? 
ATOM   9   N  N1    . DC  A 1 1  ? 16.356  -4.938  4.919   1.000 31.769  ? 1   DC  AAA N1    1 ? 
ATOM   10  C  C2    . DC  A 1 1  ? 16.271  -4.220  6.121   1.000 33.603  ? 1   DC  AAA C2    1 ? 
ATOM   11  O  O2    . DC  A 1 1  ? 16.067  -4.843  7.184   1.000 31.274  ? 1   DC  AAA O2    1 ? 
ATOM   12  N  N3    . DC  A 1 1  ? 16.380  -2.868  6.092   1.000 31.685  ? 1   DC  AAA N3    1 ? 
ATOM   13  C  C4    . DC  A 1 1  ? 16.586  -2.242  4.932   1.000 29.835  ? 1   DC  AAA C4    1 ? 
ATOM   14  N  N4    . DC  A 1 1  ? 16.686  -0.914  4.952   1.000 32.271  ? 1   DC  AAA N4    1 ? 
ATOM   15  C  C5    . DC  A 1 1  ? 16.710  -2.951  3.703   1.000 32.840  ? 1   DC  AAA C5    1 ? 
ATOM   16  C  C6    . DC  A 1 1  ? 16.590  -4.286  3.742   1.000 32.029  ? 1   DC  AAA C6    1 ? 
ATOM   17  P  P     . DG  A 1 2  ? 14.254  -10.149 5.012   1.000 47.390  ? 2   DG  AAA P     1 ? 
ATOM   18  O  OP1   . DG  A 1 2  ? 14.488  -11.532 5.525   1.000 49.526  ? 2   DG  AAA OP1   1 ? 
ATOM   19  O  OP2   . DG  A 1 2  ? 13.668  -9.923  3.677   1.000 41.609  ? 2   DG  AAA OP2   1 ? 
ATOM   20  O  "O5'" . DG  A 1 2  ? 13.292  -9.419  6.046   1.000 47.780  ? 2   DG  AAA "O5'" 1 ? 
ATOM   21  C  "C5'" . DG  A 1 2  ? 13.726  -9.245  7.395   1.000 43.660  ? 2   DG  AAA "C5'" 1 ? 
ATOM   22  C  "C4'" . DG  A 1 2  ? 12.580  -8.694  8.204   1.000 40.300  ? 2   DG  AAA "C4'" 1 ? 
ATOM   23  O  "O4'" . DG  A 1 2  ? 12.688  -7.255  8.244   1.000 35.319  ? 2   DG  AAA "O4'" 1 ? 
ATOM   24  C  "C3'" . DG  A 1 2  ? 11.178  -9.006  7.684   1.000 38.287  ? 2   DG  AAA "C3'" 1 ? 
ATOM   25  O  "O3'" . DG  A 1 2  ? 10.374  -9.187  8.838   1.000 37.423  ? 2   DG  AAA "O3'" 1 ? 
ATOM   26  C  "C2'" . DG  A 1 2  ? 10.759  -7.737  6.963   1.000 33.325  ? 2   DG  AAA "C2'" 1 ? 
ATOM   27  C  "C1'" . DG  A 1 2  ? 11.528  -6.649  7.697   1.000 32.273  ? 2   DG  AAA "C1'" 1 ? 
ATOM   28  N  N9    . DG  A 1 2  ? 11.973  -5.542  6.860   1.000 31.437  ? 2   DG  AAA N9    1 ? 
ATOM   29  C  C8    . DG  A 1 2  ? 12.428  -5.602  5.560   1.000 30.052  ? 2   DG  AAA C8    1 ? 
ATOM   30  N  N7    . DG  A 1 2  ? 12.838  -4.447  5.110   1.000 29.695  ? 2   DG  AAA N7    1 ? 
ATOM   31  C  C5    . DG  A 1 2  ? 12.632  -3.569  6.168   1.000 27.913  ? 2   DG  AAA C5    1 ? 
ATOM   32  C  C6    . DG  A 1 2  ? 12.819  -2.175  6.245   1.000 28.553  ? 2   DG  AAA C6    1 ? 
ATOM   33  O  O6    . DG  A 1 2  ? 13.235  -1.408  5.369   1.000 29.370  ? 2   DG  AAA O6    1 ? 
ATOM   34  N  N1    . DG  A 1 2  ? 12.542  -1.690  7.516   1.000 26.553  ? 2   DG  AAA N1    1 ? 
ATOM   35  C  C2    . DG  A 1 2  ? 12.048  -2.441  8.556   1.000 28.191  ? 2   DG  AAA C2    1 ? 
ATOM   36  N  N2    . DG  A 1 2  ? 11.821  -1.796  9.703   1.000 25.625  ? 2   DG  AAA N2    1 ? 
ATOM   37  N  N3    . DG  A 1 2  ? 11.833  -3.745  8.484   1.000 30.339  ? 2   DG  AAA N3    1 ? 
ATOM   38  C  C4    . DG  A 1 2  ? 12.121  -4.234  7.263   1.000 30.331  ? 2   DG  AAA C4    1 ? 
ATOM   39  P  P     . DT  A 1 3  ? 8.810   -9.534  8.750   1.000 39.123  ? 3   DT  AAA P     1 ? 
ATOM   40  O  OP1   . DT  A 1 3  ? 8.521   -10.351 9.981   1.000 43.155  ? 3   DT  AAA OP1   1 ? 
ATOM   41  O  OP2   . DT  A 1 3  ? 8.465   -9.958  7.404   1.000 34.025  ? 3   DT  AAA OP2   1 ? 
ATOM   42  O  "O5'" . DT  A 1 3  ? 8.018   -8.196  9.097   1.000 31.705  ? 3   DT  AAA "O5'" 1 ? 
ATOM   43  C  "C5'" . DT  A 1 3  ? 8.258   -7.576  10.357  1.000 29.793  ? 3   DT  AAA "C5'" 1 ? 
ATOM   44  C  "C4'" . DT  A 1 3  ? 7.848   -6.132  10.300  1.000 31.908  ? 3   DT  AAA "C4'" 1 ? 
ATOM   45  O  "O4'" . DT  A 1 3  ? 8.584   -5.478  9.261   1.000 32.217  ? 3   DT  AAA "O4'" 1 ? 
ATOM   46  C  "C3'" . DT  A 1 3  ? 6.381   -5.979  9.906   1.000 32.925  ? 3   DT  AAA "C3'" 1 ? 
ATOM   47  O  "O3'" . DT  A 1 3  ? 5.698   -5.705  11.108  1.000 37.571  ? 3   DT  AAA "O3'" 1 ? 
ATOM   48  C  "C2'" . DT  A 1 3  ? 6.373   -4.818  8.928   1.000 35.297  ? 3   DT  AAA "C2'" 1 ? 
ATOM   49  C  "C1'" . DT  A 1 3  ? 7.817   -4.349  8.894   1.000 31.652  ? 3   DT  AAA "C1'" 1 ? 
ATOM   50  N  N1    . DT  A 1 3  ? 8.332   -3.873  7.607   1.000 34.877  ? 3   DT  AAA N1    1 ? 
ATOM   51  C  C2    . DT  A 1 3  ? 8.745   -2.560  7.527   1.000 31.526  ? 3   DT  AAA C2    1 ? 
ATOM   52  O  O2    . DT  A 1 3  ? 8.621   -1.768  8.438   1.000 31.272  ? 3   DT  AAA O2    1 ? 
ATOM   53  N  N3    . DT  A 1 3  ? 9.232   -2.189  6.304   1.000 33.570  ? 3   DT  AAA N3    1 ? 
ATOM   54  C  C4    . DT  A 1 3  ? 9.393   -2.988  5.192   1.000 33.569  ? 3   DT  AAA C4    1 ? 
ATOM   55  O  O4    . DT  A 1 3  ? 9.914   -2.525  4.183   1.000 35.801  ? 3   DT  AAA O4    1 ? 
ATOM   56  C  C5    . DT  A 1 3  ? 8.960   -4.359  5.345   1.000 35.653  ? 3   DT  AAA C5    1 ? 
ATOM   57  C  C7    . DT  A 1 3  ? 9.104   -5.299  4.188   1.000 37.089  ? 3   DT  AAA C7    1 ? 
ATOM   58  C  C6    . DT  A 1 3  ? 8.470   -4.735  6.535   1.000 34.942  ? 3   DT  AAA C6    1 ? 
ATOM   59  P  P     . DG  A 1 4  ? 4.128   -5.760  11.107  1.000 41.867  ? 4   DG  AAA P     1 ? 
ATOM   60  O  OP1   . DG  A 1 4  ? 3.699   -6.267  12.443  1.000 48.461  ? 4   DG  AAA OP1   1 ? 
ATOM   61  O  OP2   . DG  A 1 4  ? 3.657   -6.310  9.824   1.000 38.011  ? 4   DG  AAA OP2   1 ? 
ATOM   62  O  "O5'" . DG  A 1 4  ? 3.753   -4.229  11.059  1.000 38.983  ? 4   DG  AAA "O5'" 1 ? 
ATOM   63  C  "C5'" . DG  A 1 4  ? 4.140   -3.335  12.083  1.000 40.885  ? 4   DG  AAA "C5'" 1 ? 
ATOM   64  C  "C4'" . DG  A 1 4  ? 3.787   -1.978  11.548  1.000 40.977  ? 4   DG  AAA "C4'" 1 ? 
ATOM   65  O  "O4'" . DG  A 1 4  ? 4.545   -1.790  10.324  1.000 37.007  ? 4   DG  AAA "O4'" 1 ? 
ATOM   66  C  "C3'" . DG  A 1 4  ? 2.317   -1.875  11.131  1.000 43.215  ? 4   DG  AAA "C3'" 1 ? 
ATOM   67  O  "O3'" . DG  A 1 4  ? 1.992   -0.504  11.199  1.000 50.430  ? 4   DG  AAA "O3'" 1 ? 
ATOM   68  C  "C2'" . DG  A 1 4  ? 2.341   -2.186  9.649   1.000 41.248  ? 4   DG  AAA "C2'" 1 ? 
ATOM   69  C  "C1'" . DG  A 1 4  ? 3.635   -1.495  9.277   1.000 35.344  ? 4   DG  AAA "C1'" 1 ? 
ATOM   70  N  N9    . DG  A 1 4  ? 4.241   -1.900  8.025   1.000 34.248  ? 4   DG  AAA N9    1 ? 
ATOM   71  C  C8    . DG  A 1 4  ? 4.153   -3.112  7.385   1.000 33.054  ? 4   DG  AAA C8    1 ? 
ATOM   72  N  N7    . DG  A 1 4  ? 4.817   -3.142  6.265   1.000 34.544  ? 4   DG  AAA N7    1 ? 
ATOM   73  C  C5    . DG  A 1 4  ? 5.373   -1.871  6.161   1.000 30.697  ? 4   DG  AAA C5    1 ? 
ATOM   74  C  C6    . DG  A 1 4  ? 6.203   -1.319  5.161   1.000 31.406  ? 4   DG  AAA C6    1 ? 
ATOM   75  O  O6    . DG  A 1 4  ? 6.600   -1.847  4.123   1.000 31.797  ? 4   DG  AAA O6    1 ? 
ATOM   76  N  N1    . DG  A 1 4  ? 6.495   0.020   5.417   1.000 33.134  ? 4   DG  AAA N1    1 ? 
ATOM   77  C  C2    . DG  A 1 4  ? 6.079   0.716   6.526   1.000 32.751  ? 4   DG  AAA C2    1 ? 
ATOM   78  N  N2    . DG  A 1 4  ? 6.500   1.984   6.623   1.000 33.436  ? 4   DG  AAA N2    1 ? 
ATOM   79  N  N3    . DG  A 1 4  ? 5.343   0.191   7.492   1.000 31.079  ? 4   DG  AAA N3    1 ? 
ATOM   80  C  C4    . DG  A 1 4  ? 5.015   -1.093  7.232   1.000 31.087  ? 4   DG  AAA C4    1 ? 
ATOM   81  P  P     . DA  A 1 5  ? 0.526   -0.026  11.564  1.000 49.246  ? 5   DA  AAA P     1 ? 
ATOM   82  O  OP1   . DA  A 1 5  ? 0.473   0.142   13.024  1.000 49.786  ? 5   DA  AAA OP1   1 ? 
ATOM   83  O  OP2   . DA  A 1 5  ? -0.433  -0.877  10.820  1.000 45.147  ? 5   DA  AAA OP2   1 ? 
ATOM   84  O  "O5'" . DA  A 1 5  ? 0.530   1.447   10.967  1.000 40.912  ? 5   DA  AAA "O5'" 1 ? 
ATOM   85  C  "C5'" . DA  A 1 5  ? 1.580   2.332   11.345  1.000 38.761  ? 5   DA  AAA "C5'" 1 ? 
ATOM   86  C  "C4'" . DA  A 1 5  ? 1.770   3.366   10.268  1.000 36.907  ? 5   DA  AAA "C4'" 1 ? 
ATOM   87  O  "O4'" . DA  A 1 5  ? 2.395   2.747   9.122   1.000 38.240  ? 5   DA  AAA "O4'" 1 ? 
ATOM   88  C  "C3'" . DA  A 1 5  ? 0.473   3.999   9.764   1.000 33.551  ? 5   DA  AAA "C3'" 1 ? 
ATOM   89  O  "O3'" . DA  A 1 5  ? 0.791   5.393   9.623   1.000 37.760  ? 5   DA  AAA "O3'" 1 ? 
ATOM   90  C  "C2'" . DA  A 1 5  ? 0.217   3.287   8.447   1.000 35.473  ? 5   DA  AAA "C2'" 1 ? 
ATOM   91  C  "C1'" . DA  A 1 5  ? 1.638   3.001   7.951   1.000 35.787  ? 5   DA  AAA "C1'" 1 ? 
ATOM   92  N  N9    . DA  A 1 5  ? 1.791   1.838   7.089   1.000 30.556  ? 5   DA  AAA N9    1 ? 
ATOM   93  C  C8    . DA  A 1 5  ? 1.235   0.599   7.276   1.000 29.302  ? 5   DA  AAA C8    1 ? 
ATOM   94  N  N7    . DA  A 1 5  ? 1.569   -0.273  6.362   1.000 28.558  ? 5   DA  AAA N7    1 ? 
ATOM   95  C  C5    . DA  A 1 5  ? 2.402   0.441   5.512   1.000 29.442  ? 5   DA  AAA C5    1 ? 
ATOM   96  C  C6    . DA  A 1 5  ? 3.070   0.085   4.339   1.000 28.212  ? 5   DA  AAA C6    1 ? 
ATOM   97  N  N6    . DA  A 1 5  ? 3.007   -1.131  3.809   1.000 31.071  ? 5   DA  AAA N6    1 ? 
ATOM   98  N  N1    . DA  A 1 5  ? 3.779   1.041   3.698   1.000 27.891  ? 5   DA  AAA N1    1 ? 
ATOM   99  C  C2    . DA  A 1 5  ? 3.818   2.263   4.225   1.000 29.817  ? 5   DA  AAA C2    1 ? 
ATOM   100 N  N3    . DA  A 1 5  ? 3.240   2.719   5.337   1.000 31.135  ? 5   DA  AAA N3    1 ? 
ATOM   101 C  C4    . DA  A 1 5  ? 2.525   1.747   5.930   1.000 30.413  ? 5   DA  AAA C4    1 ? 
ATOM   102 P  P     . DA  A 1 6  ? -0.337  6.430   9.103   1.000 40.438  ? 6   DA  AAA P     1 ? 
ATOM   103 O  OP1   . DA  A 1 6  ? -0.016  7.760   9.712   1.000 39.190  ? 6   DA  AAA OP1   1 ? 
ATOM   104 O  OP2   . DA  A 1 6  ? -1.665  5.782   9.171   1.000 34.967  ? 6   DA  AAA OP2   1 ? 
ATOM   105 O  "O5'" . DA  A 1 6  ? -0.023  6.514   7.544   1.000 32.911  ? 6   DA  AAA "O5'" 1 ? 
ATOM   106 C  "C5'" . DA  A 1 6  ? 1.218   7.110   7.152   1.000 33.033  ? 6   DA  AAA "C5'" 1 ? 
ATOM   107 C  "C4'" . DA  A 1 6  ? 1.276   7.109   5.651   1.000 32.055  ? 6   DA  AAA "C4'" 1 ? 
ATOM   108 O  "O4'" . DA  A 1 6  ? 1.340   5.745   5.184   1.000 33.031  ? 6   DA  AAA "O4'" 1 ? 
ATOM   109 C  "C3'" . DA  A 1 6  ? 0.033   7.739   5.006   1.000 29.437  ? 6   DA  AAA "C3'" 1 ? 
ATOM   110 O  "O3'" . DA  A 1 6  ? 0.526   8.769   4.147   1.000 30.603  ? 6   DA  AAA "O3'" 1 ? 
ATOM   111 C  "C2'" . DA  A 1 6  ? -0.709  6.570   4.380   1.000 31.176  ? 6   DA  AAA "C2'" 1 ? 
ATOM   112 C  "C1'" . DA  A 1 6  ? 0.404   5.569   4.134   1.000 32.679  ? 6   DA  AAA "C1'" 1 ? 
ATOM   113 N  N9    . DA  A 1 6  ? 0.043   4.161   4.104   1.000 28.567  ? 6   DA  AAA N9    1 ? 
ATOM   114 C  C8    . DA  A 1 6  ? -0.703  3.410   4.979   1.000 28.830  ? 6   DA  AAA C8    1 ? 
ATOM   115 N  N7    . DA  A 1 6  ? -0.724  2.128   4.690   1.000 26.146  ? 6   DA  AAA N7    1 ? 
ATOM   116 C  C5    . DA  A 1 6  ? 0.041   2.039   3.532   1.000 27.531  ? 6   DA  AAA C5    1 ? 
ATOM   117 C  C6    . DA  A 1 6  ? 0.342   0.967   2.683   1.000 25.292  ? 6   DA  AAA C6    1 ? 
ATOM   118 N  N6    . DA  A 1 6  ? -0.097  -0.273  2.882   1.000 25.460  ? 6   DA  AAA N6    1 ? 
ATOM   119 N  N1    . DA  A 1 6  ? 1.130   1.216   1.610   1.000 26.104  ? 6   DA  AAA N1    1 ? 
ATOM   120 C  C2    . DA  A 1 6  ? 1.514   2.472   1.379   1.000 26.275  ? 6   DA  AAA C2    1 ? 
ATOM   121 N  N3    . DA  A 1 6  ? 1.309   3.560   2.114   1.000 27.459  ? 6   DA  AAA N3    1 ? 
ATOM   122 C  C4    . DA  A 1 6  ? 0.501   3.284   3.151   1.000 25.875  ? 6   DA  AAA C4    1 ? 
ATOM   123 P  P     . DT  A 1 7  ? -0.476  9.690   3.308   1.000 33.569  ? 7   DT  AAA P     1 ? 
ATOM   124 O  OP1   . DT  A 1 7  ? 0.113   11.030  3.185   1.000 35.457  ? 7   DT  AAA OP1   1 ? 
ATOM   125 O  OP2   . DT  A 1 7  ? -1.855  9.596   3.857   1.000 29.449  ? 7   DT  AAA OP2   1 ? 
ATOM   126 O  "O5'" . DT  A 1 7  ? -0.490  8.944   1.890   1.000 30.204  ? 7   DT  AAA "O5'" 1 ? 
ATOM   127 C  "C5'" . DT  A 1 7  ? 0.706   8.751   1.145   1.000 28.003  ? 7   DT  AAA "C5'" 1 ? 
ATOM   128 C  "C4'" . DT  A 1 7  ? 0.426   7.794   0.008   1.000 28.612  ? 7   DT  AAA "C4'" 1 ? 
ATOM   129 O  "O4'" . DT  A 1 7  ? 0.055   6.517   0.548   1.000 29.087  ? 7   DT  AAA "O4'" 1 ? 
ATOM   130 C  "C3'" . DT  A 1 7  ? -0.706  8.177   -0.963  1.000 28.756  ? 7   DT  AAA "C3'" 1 ? 
ATOM   131 O  "O3'" . DT  A 1 7  ? -0.068  8.596   -2.175  1.000 31.742  ? 7   DT  AAA "O3'" 1 ? 
ATOM   132 C  "C2'" . DT  A 1 7  ? -1.589  6.932   -1.050  1.000 25.434  ? 7   DT  AAA "C2'" 1 ? 
ATOM   133 C  "C1'" . DT  A 1 7  ? -0.684  5.854   -0.461  1.000 26.557  ? 7   DT  AAA "C1'" 1 ? 
ATOM   134 N  N1    . DT  A 1 7  ? -1.338  4.696   0.162   1.000 26.488  ? 7   DT  AAA N1    1 ? 
ATOM   135 C  C2    . DT  A 1 7  ? -1.183  3.455   -0.428  1.000 27.647  ? 7   DT  AAA C2    1 ? 
ATOM   136 O  O2    . DT  A 1 7  ? -0.529  3.263   -1.449  1.000 28.485  ? 7   DT  AAA O2    1 ? 
ATOM   137 N  N3    . DT  A 1 7  ? -1.851  2.445   0.201   1.000 23.021  ? 7   DT  AAA N3    1 ? 
ATOM   138 C  C4    . DT  A 1 7  ? -2.641  2.537   1.321   1.000 25.511  ? 7   DT  AAA C4    1 ? 
ATOM   139 O  O4    . DT  A 1 7  ? -3.134  1.536   1.788   1.000 24.639  ? 7   DT  AAA O4    1 ? 
ATOM   140 C  C5    . DT  A 1 7  ? -2.774  3.858   1.884   1.000 25.600  ? 7   DT  AAA C5    1 ? 
ATOM   141 C  C7    . DT  A 1 7  ? -3.602  4.036   3.116   1.000 27.900  ? 7   DT  AAA C7    1 ? 
ATOM   142 C  C6    . DT  A 1 7  ? -2.155  4.869   1.261   1.000 24.737  ? 7   DT  AAA C6    1 ? 
ATOM   143 P  P     . DT  A 1 8  ? -0.905  9.240   -3.340  1.000 33.188  ? 8   DT  AAA P     1 ? 
ATOM   144 O  OP1   . DT  A 1 8  ? 0.052   10.069  -4.121  1.000 33.548  ? 8   DT  AAA OP1   1 ? 
ATOM   145 O  OP2   . DT  A 1 8  ? -2.149  9.809   -2.792  1.000 33.768  ? 8   DT  AAA OP2   1 ? 
ATOM   146 O  "O5'" . DT  A 1 8  ? -1.254  7.970   -4.232  1.000 31.424  ? 8   DT  AAA "O5'" 1 ? 
ATOM   147 C  "C5'" . DT  A 1 8  ? -0.199  7.293   -4.893  1.000 31.159  ? 8   DT  AAA "C5'" 1 ? 
ATOM   148 C  "C4'" . DT  A 1 8  ? -0.708  5.984   -5.436  1.000 31.399  ? 8   DT  AAA "C4'" 1 ? 
ATOM   149 O  "O4'" . DT  A 1 8  ? -1.264  5.187   -4.374  1.000 29.049  ? 8   DT  AAA "O4'" 1 ? 
ATOM   150 C  "C3'" . DT  A 1 8  ? -1.812  6.145   -6.480  1.000 33.458  ? 8   DT  AAA "C3'" 1 ? 
ATOM   151 O  "O3'" . DT  A 1 8  ? -1.260  5.630   -7.676  1.000 42.207  ? 8   DT  AAA "O3'" 1 ? 
ATOM   152 C  "C2'" . DT  A 1 8  ? -2.985  5.342   -5.938  1.000 31.633  ? 8   DT  AAA "C2'" 1 ? 
ATOM   153 C  "C1'" . DT  A 1 8  ? -2.308  4.417   -4.935  1.000 28.349  ? 8   DT  AAA "C1'" 1 ? 
ATOM   154 N  N1    . DT  A 1 8  ? -3.141  3.929   -3.832  1.000 26.029  ? 8   DT  AAA N1    1 ? 
ATOM   155 C  C2    . DT  A 1 8  ? -3.303  2.570   -3.688  1.000 26.677  ? 8   DT  AAA C2    1 ? 
ATOM   156 O  O2    . DT  A 1 8  ? -2.856  1.755   -4.480  1.000 30.301  ? 8   DT  AAA O2    1 ? 
ATOM   157 N  N3    . DT  A 1 8  ? -4.064  2.198   -2.606  1.000 26.082  ? 8   DT  AAA N3    1 ? 
ATOM   158 C  C4    . DT  A 1 8  ? -4.664  3.033   -1.679  1.000 26.199  ? 8   DT  AAA C4    1 ? 
ATOM   159 O  O4    . DT  A 1 8  ? -5.309  2.551   -0.755  1.000 25.301  ? 8   DT  AAA O4    1 ? 
ATOM   160 C  C5    . DT  A 1 8  ? -4.448  4.446   -1.890  1.000 25.408  ? 8   DT  AAA C5    1 ? 
ATOM   161 C  C7    . DT  A 1 8  ? -5.033  5.422   -0.921  1.000 29.713  ? 8   DT  AAA C7    1 ? 
ATOM   162 C  C6    . DT  A 1 8  ? -3.701  4.818   -2.938  1.000 26.640  ? 8   DT  AAA C6    1 ? 
ATOM   163 P  P     . DC  A 1 9  ? -2.076  5.699   -9.032  1.000 41.723  ? 9   DC  AAA P     1 ? 
ATOM   164 O  OP1   . DC  A 1 9  ? -1.111  5.932   -10.124 1.000 46.819  ? 9   DC  AAA OP1   1 ? 
ATOM   165 O  OP2   . DC  A 1 9  ? -3.229  6.572   -8.833  1.000 39.572  ? 9   DC  AAA OP2   1 ? 
ATOM   166 O  "O5'" . DC  A 1 9  ? -2.568  4.207   -9.192  1.000 37.621  ? 9   DC  AAA "O5'" 1 ? 
ATOM   167 C  "C5'" . DC  A 1 9  ? -1.678  3.126   -8.934  1.000 40.496  ? 9   DC  AAA "C5'" 1 ? 
ATOM   168 C  "C4'" . DC  A 1 9  ? -2.439  1.828   -9.067  1.000 43.776  ? 9   DC  AAA "C4'" 1 ? 
ATOM   169 O  "O4'" . DC  A 1 9  ? -3.170  1.574   -7.852  1.000 39.891  ? 9   DC  AAA "O4'" 1 ? 
ATOM   170 C  "C3'" . DC  A 1 9  ? -3.468  1.805   -10.199 1.000 43.535  ? 9   DC  AAA "C3'" 1 ? 
ATOM   171 O  "O3'" . DC  A 1 9  ? -3.172  0.701   -11.041 1.000 52.001  ? 9   DC  AAA "O3'" 1 ? 
ATOM   172 C  "C2'" . DC  A 1 9  ? -4.820  1.673   -9.511  1.000 43.177  ? 9   DC  AAA "C2'" 1 ? 
ATOM   173 C  "C1'" . DC  A 1 9  ? -4.486  1.115   -8.146  1.000 37.178  ? 9   DC  AAA "C1'" 1 ? 
ATOM   174 N  N1    . DC  A 1 9  ? -5.331  1.573   -7.044  1.000 33.574  ? 9   DC  AAA N1    1 ? 
ATOM   175 C  C2    . DC  A 1 9  ? -5.856  0.648   -6.127  1.000 30.561  ? 9   DC  AAA C2    1 ? 
ATOM   176 O  O2    . DC  A 1 9  ? -5.720  -0.576  -6.346  1.000 30.341  ? 9   DC  AAA O2    1 ? 
ATOM   177 N  N3    . DC  A 1 9  ? -6.554  1.110   -5.057  1.000 28.072  ? 9   DC  AAA N3    1 ? 
ATOM   178 C  C4    . DC  A 1 9  ? -6.686  2.426   -4.863  1.000 26.987  ? 9   DC  AAA C4    1 ? 
ATOM   179 N  N4    . DC  A 1 9  ? -7.368  2.843   -3.788  1.000 30.023  ? 9   DC  AAA N4    1 ? 
ATOM   180 C  C5    . DC  A 1 9  ? -6.152  3.379   -5.777  1.000 29.988  ? 9   DC  AAA C5    1 ? 
ATOM   181 C  C6    . DC  A 1 9  ? -5.486  2.913   -6.838  1.000 29.763  ? 9   DC  AAA C6    1 ? 
ATOM   182 P  P     . DA  A 1 10 ? -3.839  0.635   -12.493 1.000 57.213  ? 10  DA  AAA P     1 ? 
ATOM   183 O  OP1   . DA  A 1 10 ? -2.819  0.088   -13.390 1.000 51.294  ? 10  DA  AAA OP1   1 ? 
ATOM   184 O  OP2   . DA  A 1 10 ? -4.519  1.954   -12.819 1.000 43.049  ? 10  DA  AAA OP2   1 ? 
ATOM   185 O  "O5'" . DA  A 1 10 ? -5.019  -0.413  -12.252 1.000 45.511  ? 10  DA  AAA "O5'" 1 ? 
ATOM   186 C  "C5'" . DA  A 1 10 ? -4.756  -1.666  -11.571 1.000 43.688  ? 10  DA  AAA "C5'" 1 ? 
ATOM   187 C  "C4'" . DA  A 1 10 ? -6.084  -2.272  -11.169 1.000 51.589  ? 10  DA  AAA "C4'" 1 ? 
ATOM   188 O  "O4'" . DA  A 1 10 ? -6.659  -1.564  -10.034 1.000 42.359  ? 10  DA  AAA "O4'" 1 ? 
ATOM   189 C  "C3'" . DA  A 1 10 ? -7.164  -2.228  -12.256 1.000 50.530  ? 10  DA  AAA "C3'" 1 ? 
ATOM   190 O  "O3'" . DA  A 1 10 ? -8.011  -3.363  -12.025 1.000 52.353  ? 10  DA  AAA "O3'" 1 ? 
ATOM   191 C  "C2'" . DA  A 1 10 ? -7.950  -0.976  -11.907 1.000 47.870  ? 10  DA  AAA "C2'" 1 ? 
ATOM   192 C  "C1'" . DA  A 1 10 ? -7.973  -1.145  -10.401 1.000 40.204  ? 10  DA  AAA "C1'" 1 ? 
ATOM   193 N  N9    . DA  A 1 10 ? -8.310  0.038   -9.623  1.000 39.491  ? 10  DA  AAA N9    1 ? 
ATOM   194 C  C8    . DA  A 1 10 ? -8.194  1.369   -9.932  1.000 37.947  ? 10  DA  AAA C8    1 ? 
ATOM   195 N  N7    . DA  A 1 10 ? -8.570  2.168   -8.964  1.000 39.138  ? 10  DA  AAA N7    1 ? 
ATOM   196 C  C5    . DA  A 1 10 ? -9.005  1.304   -7.969  1.000 37.107  ? 10  DA  AAA C5    1 ? 
ATOM   197 C  C6    . DA  A 1 10 ? -9.538  1.526   -6.690  1.000 33.439  ? 10  DA  AAA C6    1 ? 
ATOM   198 N  N6    . DA  A 1 10 ? -9.741  2.741   -6.182  1.000 30.156  ? 10  DA  AAA N6    1 ? 
ATOM   199 N  N1    . DA  A 1 10 ? -9.830  0.446   -5.930  1.000 31.104  ? 10  DA  AAA N1    1 ? 
ATOM   200 C  C2    . DA  A 1 10 ? -9.608  -0.771  -6.438  1.000 34.494  ? 10  DA  AAA C2    1 ? 
ATOM   201 N  N3    . DA  A 1 10 ? -9.113  -1.107  -7.632  1.000 31.878  ? 10  DA  AAA N3    1 ? 
ATOM   202 C  C4    . DA  A 1 10 ? -8.814  -0.010  -8.348  1.000 35.515  ? 10  DA  AAA C4    1 ? 
ATOM   203 P  P     . DC  A 1 11 ? -8.131  -4.555  -13.123 1.000 55.847  ? 11  DC  AAA P     1 ? 
ATOM   204 O  OP1   . DC  A 1 11 ? -6.783  -5.153  -13.315 1.000 50.069  ? 11  DC  AAA OP1   1 ? 
ATOM   205 O  OP2   . DC  A 1 11 ? -8.910  -3.969  -14.259 1.000 50.122  ? 11  DC  AAA OP2   1 ? 
ATOM   206 O  "O5'" . DC  A 1 11 ? -8.882  -5.695  -12.285 1.000 48.088  ? 11  DC  AAA "O5'" 1 ? 
ATOM   207 C  "C5'" . DC  A 1 11 ? -8.265  -6.221  -11.095 1.000 40.888  ? 11  DC  AAA "C5'" 1 ? 
ATOM   208 C  "C4'" . DC  A 1 11 ? -9.279  -6.604  -10.040 1.000 44.011  ? 11  DC  AAA "C4'" 1 ? 
ATOM   209 O  "O4'" . DC  A 1 11 ? -9.800  -5.428  -9.369  1.000 45.239  ? 11  DC  AAA "O4'" 1 ? 
ATOM   210 C  "C3'" . DC  A 1 11 ? -10.505 -7.373  -10.534 1.000 40.169  ? 11  DC  AAA "C3'" 1 ? 
ATOM   211 O  "O3'" . DC  A 1 11 ? -10.787 -8.356  -9.524  1.000 43.535  ? 11  DC  AAA "O3'" 1 ? 
ATOM   212 C  "C2'" . DC  A 1 11 ? -11.560 -6.282  -10.702 1.000 41.209  ? 11  DC  AAA "C2'" 1 ? 
ATOM   213 C  "C1'" . DC  A 1 11 ? -11.207 -5.305  -9.574  1.000 40.058  ? 11  DC  AAA "C1'" 1 ? 
ATOM   214 N  N1    . DC  A 1 11 ? -11.491 -3.873  -9.770  1.000 35.474  ? 11  DC  AAA N1    1 ? 
ATOM   215 C  C2    . DC  A 1 11 ? -11.943 -3.119  -8.672  1.000 31.682  ? 11  DC  AAA C2    1 ? 
ATOM   216 O  O2    . DC  A 1 11 ? -12.175 -3.694  -7.599  1.000 32.969  ? 11  DC  AAA O2    1 ? 
ATOM   217 N  N3    . DC  A 1 11 ? -12.143 -1.792  -8.819  1.000 30.890  ? 11  DC  AAA N3    1 ? 
ATOM   218 C  C4    . DC  A 1 11 ? -11.876 -1.201  -9.984  1.000 35.522  ? 11  DC  AAA C4    1 ? 
ATOM   219 N  N4    . DC  A 1 11 ? -12.086 0.114   -10.074 1.000 33.701  ? 11  DC  AAA N4    1 ? 
ATOM   220 C  C5    . DC  A 1 11 ? -11.390 -1.937  -11.111 1.000 35.329  ? 11  DC  AAA C5    1 ? 
ATOM   221 C  C6    . DC  A 1 11 ? -11.186 -3.255  -10.952 1.000 34.826  ? 11  DC  AAA C6    1 ? 
ATOM   222 P  P     . DG  A 1 12 ? -11.739 -9.594  -9.873  1.000 45.767  ? 12  DG  AAA P     1 ? 
ATOM   223 O  OP1   . DG  A 1 12 ? -11.445 -10.677 -8.894  1.000 42.244  ? 12  DG  AAA OP1   1 ? 
ATOM   224 O  OP2   . DG  A 1 12 ? -11.618 -9.826  -11.326 1.000 42.127  ? 12  DG  AAA OP2   1 ? 
ATOM   225 O  "O5'" . DG  A 1 12 ? -13.187 -8.988  -9.606  1.000 46.152  ? 12  DG  AAA "O5'" 1 ? 
ATOM   226 C  "C5'" . DG  A 1 12 ? -13.696 -8.890  -8.252  1.000 41.430  ? 12  DG  AAA "C5'" 1 ? 
ATOM   227 C  "C4'" . DG  A 1 12 ? -15.010 -8.152  -8.247  1.000 39.689  ? 12  DG  AAA "C4'" 1 ? 
ATOM   228 O  "O4'" . DG  A 1 12 ? -14.728 -6.778  -8.573  1.000 36.490  ? 12  DG  AAA "O4'" 1 ? 
ATOM   229 C  "C3'" . DG  A 1 12 ? -16.054 -8.633  -9.267  1.000 40.565  ? 12  DG  AAA "C3'" 1 ? 
ATOM   230 O  "O3'" . DG  A 1 12 ? -17.373 -8.696  -8.745  1.000 49.162  ? 12  DG  AAA "O3'" 1 ? 
ATOM   231 C  "C2'" . DG  A 1 12 ? -16.253 -7.448  -10.184 1.000 42.164  ? 12  DG  AAA "C2'" 1 ? 
ATOM   232 C  "C1'" . DG  A 1 12 ? -15.850 -6.298  -9.283  1.000 39.468  ? 12  DG  AAA "C1'" 1 ? 
ATOM   233 N  N9    . DG  A 1 12 ? -15.464 -5.098  -10.007 1.000 36.272  ? 12  DG  AAA N9    1 ? 
ATOM   234 C  C8    . DG  A 1 12 ? -14.923 -5.040  -11.270 1.000 38.310  ? 12  DG  AAA C8    1 ? 
ATOM   235 N  N7    . DG  A 1 12 ? -14.715 -3.822  -11.682 1.000 35.756  ? 12  DG  AAA N7    1 ? 
ATOM   236 C  C5    . DG  A 1 12 ? -15.160 -3.026  -10.637 1.000 36.367  ? 12  DG  AAA C5    1 ? 
ATOM   237 C  C6    . DG  A 1 12 ? -15.203 -1.611  -10.512 1.000 34.332  ? 12  DG  AAA C6    1 ? 
ATOM   238 O  O6    . DG  A 1 12 ? -14.832 -0.753  -11.320 1.000 35.913  ? 12  DG  AAA O6    1 ? 
ATOM   239 N  N1    . DG  A 1 12 ? -15.710 -1.225  -9.281  1.000 32.158  ? 12  DG  AAA N1    1 ? 
ATOM   240 C  C2    . DG  A 1 12 ? -16.165 -2.078  -8.311  1.000 31.784  ? 12  DG  AAA C2    1 ? 
ATOM   241 N  N2    . DG  A 1 12 ? -16.668 -1.496  -7.213  1.000 27.941  ? 12  DG  AAA N2    1 ? 
ATOM   242 N  N3    . DG  A 1 12 ? -16.133 -3.402  -8.412  1.000 26.324  ? 12  DG  AAA N3    1 ? 
ATOM   243 C  C4    . DG  A 1 12 ? -15.647 -3.800  -9.604  1.000 33.871  ? 12  DG  AAA C4    1 ? 
ATOM   244 O  "O5'" . DC  B 1 1  ? -20.027 6.421   -7.721  1.000 45.071  ? 13  DC  BBB "O5'" 1 ? 
ATOM   245 C  "C5'" . DC  B 1 1  ? -19.353 6.846   -6.526  1.000 45.959  ? 13  DC  BBB "C5'" 1 ? 
ATOM   246 C  "C4'" . DC  B 1 1  ? -18.719 5.661   -5.836  1.000 39.546  ? 13  DC  BBB "C4'" 1 ? 
ATOM   247 O  "O4'" . DC  B 1 1  ? -18.567 4.551   -6.748  1.000 38.684  ? 13  DC  BBB "O4'" 1 ? 
ATOM   248 C  "C3'" . DC  B 1 1  ? -17.326 5.943   -5.296  1.000 38.598  ? 13  DC  BBB "C3'" 1 ? 
ATOM   249 O  "O3'" . DC  B 1 1  ? -17.175 5.207   -4.105  1.000 42.135  ? 13  DC  BBB "O3'" 1 ? 
ATOM   250 C  "C2'" . DC  B 1 1  ? -16.406 5.308   -6.319  1.000 36.817  ? 13  DC  BBB "C2'" 1 ? 
ATOM   251 C  "C1'" . DC  B 1 1  ? -17.216 4.092   -6.700  1.000 35.890  ? 13  DC  BBB "C1'" 1 ? 
ATOM   252 N  N1    . DC  B 1 1  ? -16.869 3.518   -8.010  1.000 36.641  ? 13  DC  BBB N1    1 ? 
ATOM   253 C  C2    . DC  B 1 1  ? -16.472 2.175   -8.090  1.000 35.727  ? 13  DC  BBB C2    1 ? 
ATOM   254 O  O2    . DC  B 1 1  ? -16.473 1.484   -7.062  1.000 31.390  ? 13  DC  BBB O2    1 ? 
ATOM   255 N  N3    . DC  B 1 1  ? -16.130 1.659   -9.289  1.000 38.671  ? 13  DC  BBB N3    1 ? 
ATOM   256 C  C4    . DC  B 1 1  ? -16.199 2.416   -10.387 1.000 37.978  ? 13  DC  BBB C4    1 ? 
ATOM   257 N  N4    . DC  B 1 1  ? -15.876 1.853   -11.549 1.000 39.057  ? 13  DC  BBB N4    1 ? 
ATOM   258 C  C5    . DC  B 1 1  ? -16.593 3.784   -10.336 1.000 40.524  ? 13  DC  BBB C5    1 ? 
ATOM   259 C  C6    . DC  B 1 1  ? -16.916 4.291   -9.138  1.000 40.146  ? 13  DC  BBB C6    1 ? 
ATOM   260 P  P     . DG  B 1 2  ? -17.090 5.939   -2.697  1.000 42.215  ? 14  DG  BBB P     1 ? 
ATOM   261 O  OP1   . DG  B 1 2  ? -18.387 6.634   -2.481  1.000 38.833  ? 14  DG  BBB OP1   1 ? 
ATOM   262 O  OP2   . DG  B 1 2  ? -15.791 6.629   -2.618  1.000 42.170  ? 14  DG  BBB OP2   1 ? 
ATOM   263 O  "O5'" . DG  B 1 2  ? -17.097 4.713   -1.688  1.000 38.334  ? 14  DG  BBB "O5'" 1 ? 
ATOM   264 C  "C5'" . DG  B 1 2  ? -18.230 3.809   -1.649  1.000 39.028  ? 14  DG  BBB "C5'" 1 ? 
ATOM   265 C  "C4'" . DG  B 1 2  ? -17.681 2.411   -1.516  1.000 36.193  ? 14  DG  BBB "C4'" 1 ? 
ATOM   266 O  "O4'" . DG  B 1 2  ? -17.102 2.017   -2.788  1.000 39.955  ? 14  DG  BBB "O4'" 1 ? 
ATOM   267 C  "C3'" . DG  B 1 2  ? -16.562 2.341   -0.481  1.000 37.106  ? 14  DG  BBB "C3'" 1 ? 
ATOM   268 O  "O3'" . DG  B 1 2  ? -16.822 1.357   0.516   1.000 33.375  ? 14  DG  BBB "O3'" 1 ? 
ATOM   269 C  "C2'" . DG  B 1 2  ? -15.296 2.128   -1.290  1.000 40.010  ? 14  DG  BBB "C2'" 1 ? 
ATOM   270 C  "C1'" . DG  B 1 2  ? -15.789 1.483   -2.564  1.000 39.202  ? 14  DG  BBB "C1'" 1 ? 
ATOM   271 N  N9    . DG  B 1 2  ? -14.972 1.814   -3.727  1.000 32.223  ? 14  DG  BBB N9    1 ? 
ATOM   272 C  C8    . DG  B 1 2  ? -14.655 3.076   -4.154  1.000 32.977  ? 14  DG  BBB C8    1 ? 
ATOM   273 N  N7    . DG  B 1 2  ? -13.930 3.083   -5.237  1.000 32.933  ? 14  DG  BBB N7    1 ? 
ATOM   274 C  C5    . DG  B 1 2  ? -13.772 1.740   -5.557  1.000 31.970  ? 14  DG  BBB C5    1 ? 
ATOM   275 C  C6    . DG  B 1 2  ? -13.120 1.128   -6.664  1.000 33.310  ? 14  DG  BBB C6    1 ? 
ATOM   276 O  O6    . DG  B 1 2  ? -12.561 1.674   -7.626  1.000 29.555  ? 14  DG  BBB O6    1 ? 
ATOM   277 N  N1    . DG  B 1 2  ? -13.190 -0.262  -6.596  1.000 28.270  ? 14  DG  BBB N1    1 ? 
ATOM   278 C  C2    . DG  B 1 2  ? -13.862 -0.973  -5.627  1.000 30.199  ? 14  DG  BBB C2    1 ? 
ATOM   279 N  N2    . DG  B 1 2  ? -13.838 -2.319  -5.742  1.000 26.937  ? 14  DG  BBB N2    1 ? 
ATOM   280 N  N3    . DG  B 1 2  ? -14.536 -0.408  -4.633  1.000 29.005  ? 14  DG  BBB N3    1 ? 
ATOM   281 C  C4    . DG  B 1 2  ? -14.438 0.942   -4.654  1.000 32.462  ? 14  DG  BBB C4    1 ? 
ATOM   282 P  P     . DT  B 1 3  ? -15.844 1.109   1.675   1.000 39.016  ? 15  DT  BBB P     1 ? 
ATOM   283 O  OP1   . DT  B 1 3  ? -16.626 0.692   2.863   1.000 35.726  ? 15  DT  BBB OP1   1 ? 
ATOM   284 O  OP2   . DT  B 1 3  ? -14.824 2.152   1.759   1.000 33.840  ? 15  DT  BBB OP2   1 ? 
ATOM   285 O  "O5'" . DT  B 1 3  ? -14.982 -0.128  1.171   1.000 33.062  ? 15  DT  BBB "O5'" 1 ? 
ATOM   286 C  "C5'" . DT  B 1 3  ? -15.561 -1.390  0.892   1.000 31.700  ? 15  DT  BBB "C5'" 1 ? 
ATOM   287 C  "C4'" . DT  B 1 3  ? -14.527 -2.231  0.191   1.000 29.510  ? 15  DT  BBB "C4'" 1 ? 
ATOM   288 O  "O4'" . DT  B 1 3  ? -14.143 -1.587  -1.036  1.000 31.826  ? 15  DT  BBB "O4'" 1 ? 
ATOM   289 C  "C3'" . DT  B 1 3  ? -13.222 -2.406  0.952   1.000 31.344  ? 15  DT  BBB "C3'" 1 ? 
ATOM   290 O  "O3'" . DT  B 1 3  ? -13.257 -3.695  1.510   1.000 37.158  ? 15  DT  BBB "O3'" 1 ? 
ATOM   291 C  "C2'" . DT  B 1 3  ? -12.174 -2.526  -0.138  1.000 32.373  ? 15  DT  BBB "C2'" 1 ? 
ATOM   292 C  "C1'" . DT  B 1 3  ? -12.797 -1.928  -1.367  1.000 30.047  ? 15  DT  BBB "C1'" 1 ? 
ATOM   293 N  N1    . DT  B 1 3  ? -12.160 -0.715  -1.845  1.000 29.276  ? 15  DT  BBB N1    1 ? 
ATOM   294 C  C2    . DT  B 1 3  ? -11.525 -0.728  -3.070  1.000 29.593  ? 15  DT  BBB C2    1 ? 
ATOM   295 O  O2    . DT  B 1 3  ? -11.378 -1.737  -3.745  1.000 28.292  ? 15  DT  BBB O2    1 ? 
ATOM   296 N  N3    . DT  B 1 3  ? -11.043 0.492   -3.472  1.000 27.602  ? 15  DT  BBB N3    1 ? 
ATOM   297 C  C4    . DT  B 1 3  ? -11.143 1.694   -2.800  1.000 32.502  ? 15  DT  BBB C4    1 ? 
ATOM   298 O  O4    . DT  B 1 3  ? -10.680 2.711   -3.300  1.000 28.643  ? 15  DT  BBB O4    1 ? 
ATOM   299 C  C5    . DT  B 1 3  ? -11.803 1.634   -1.519  1.000 31.252  ? 15  DT  BBB C5    1 ? 
ATOM   300 C  C7    . DT  B 1 3  ? -11.934 2.890   -0.716  1.000 36.864  ? 15  DT  BBB C7    1 ? 
ATOM   301 C  C6    . DT  B 1 3  ? -12.287 0.451   -1.117  1.000 31.440  ? 15  DT  BBB C6    1 ? 
ATOM   302 P  P     . DG  B 1 4  ? -12.182 -4.170  2.572   1.000 36.570  ? 16  DG  BBB P     1 ? 
ATOM   303 O  OP1   . DG  B 1 4  ? -12.882 -5.152  3.422   1.000 49.535  ? 16  DG  BBB OP1   1 ? 
ATOM   304 O  OP2   . DG  B 1 4  ? -11.457 -3.005  3.135   1.000 34.559  ? 16  DG  BBB OP2   1 ? 
ATOM   305 O  "O5'" . DG  B 1 4  ? -11.176 -5.041  1.721   1.000 36.768  ? 16  DG  BBB "O5'" 1 ? 
ATOM   306 C  "C5'" . DG  B 1 4  ? -11.619 -6.187  1.037   1.000 34.292  ? 16  DG  BBB "C5'" 1 ? 
ATOM   307 C  "C4'" . DG  B 1 4  ? -10.544 -6.622  0.078   1.000 37.121  ? 16  DG  BBB "C4'" 1 ? 
ATOM   308 O  "O4'" . DG  B 1 4  ? -10.183 -5.513  -0.785  1.000 33.581  ? 16  DG  BBB "O4'" 1 ? 
ATOM   309 C  "C3'" . DG  B 1 4  ? -9.247  -7.057  0.754   1.000 39.036  ? 16  DG  BBB "C3'" 1 ? 
ATOM   310 O  "O3'" . DG  B 1 4  ? -8.693  -7.978  -0.169  1.000 41.164  ? 16  DG  BBB "O3'" 1 ? 
ATOM   311 C  "C2'" . DG  B 1 4  ? -8.444  -5.774  0.798   1.000 39.925  ? 16  DG  BBB "C2'" 1 ? 
ATOM   312 C  "C1'" . DG  B 1 4  ? -8.833  -5.133  -0.539  1.000 35.284  ? 16  DG  BBB "C1'" 1 ? 
ATOM   313 N  N9    . DG  B 1 4  ? -8.759  -3.675  -0.575  1.000 30.516  ? 16  DG  BBB N9    1 ? 
ATOM   314 C  C8    . DG  B 1 4  ? -8.994  -2.814  0.471   1.000 31.176  ? 16  DG  BBB C8    1 ? 
ATOM   315 N  N7    . DG  B 1 4  ? -8.848  -1.559  0.146   1.000 28.179  ? 16  DG  BBB N7    1 ? 
ATOM   316 C  C5    . DG  B 1 4  ? -8.472  -1.591  -1.190  1.000 29.036  ? 16  DG  BBB C5    1 ? 
ATOM   317 C  C6    . DG  B 1 4  ? -8.145  -0.531  -2.080  1.000 27.171  ? 16  DG  BBB C6    1 ? 
ATOM   318 O  O6    . DG  B 1 4  ? -8.142  0.684   -1.864  1.000 24.709  ? 16  DG  BBB O6    1 ? 
ATOM   319 N  N1    . DG  B 1 4  ? -7.792  -1.007  -3.334  1.000 24.411  ? 16  DG  BBB N1    1 ? 
ATOM   320 C  C2    . DG  B 1 4  ? -7.724  -2.332  -3.683  1.000 26.661  ? 16  DG  BBB C2    1 ? 
ATOM   321 N  N2    . DG  B 1 4  ? -7.380  -2.582  -4.950  1.000 27.345  ? 16  DG  BBB N2    1 ? 
ATOM   322 N  N3    . DG  B 1 4  ? -8.034  -3.335  -2.870  1.000 27.230  ? 16  DG  BBB N3    1 ? 
ATOM   323 C  C4    . DG  B 1 4  ? -8.427  -2.891  -1.655  1.000 26.712  ? 16  DG  BBB C4    1 ? 
ATOM   324 P  P     . DA  B 1 5  ? -7.215  -8.590  0.025   1.000 43.313  ? 17  DA  BBB P     1 ? 
ATOM   325 O  OP1   . DA  B 1 5  ? -7.296  -10.027 -0.284  1.000 46.332  ? 17  DA  BBB OP1   1 ? 
ATOM   326 O  OP2   . DA  B 1 5  ? -6.628  -8.096  1.277   1.000 43.466  ? 17  DA  BBB OP2   1 ? 
ATOM   327 O  "O5'" . DA  B 1 5  ? -6.442  -7.949  -1.193  1.000 39.219  ? 17  DA  BBB "O5'" 1 ? 
ATOM   328 C  "C5'" . DA  B 1 5  ? -6.975  -8.099  -2.493  1.000 33.469  ? 17  DA  BBB "C5'" 1 ? 
ATOM   329 C  "C4'" . DA  B 1 5  ? -5.939  -7.544  -3.427  1.000 36.738  ? 17  DA  BBB "C4'" 1 ? 
ATOM   330 O  "O4'" . DA  B 1 5  ? -5.903  -6.104  -3.316  1.000 37.751  ? 17  DA  BBB "O4'" 1 ? 
ATOM   331 C  "C3'" . DA  B 1 5  ? -4.525  -8.027  -3.105  1.000 38.632  ? 17  DA  BBB "C3'" 1 ? 
ATOM   332 O  "O3'" . DA  B 1 5  ? -3.987  -8.324  -4.391  1.000 44.557  ? 17  DA  BBB "O3'" 1 ? 
ATOM   333 C  "C2'" . DA  B 1 5  ? -3.902  -6.858  -2.357  1.000 39.566  ? 17  DA  BBB "C2'" 1 ? 
ATOM   334 C  "C1'" . DA  B 1 5  ? -4.604  -5.644  -2.957  1.000 36.626  ? 17  DA  BBB "C1'" 1 ? 
ATOM   335 N  N9    . DA  B 1 5  ? -4.785  -4.501  -2.055  1.000 31.915  ? 17  DA  BBB N9    1 ? 
ATOM   336 C  C8    . DA  B 1 5  ? -5.237  -4.546  -0.759  1.000 29.030  ? 17  DA  BBB C8    1 ? 
ATOM   337 N  N7    . DA  B 1 5  ? -5.368  -3.367  -0.202  1.000 27.613  ? 17  DA  BBB N7    1 ? 
ATOM   338 C  C5    . DA  B 1 5  ? -5.001  -2.484  -1.205  1.000 28.490  ? 17  DA  BBB C5    1 ? 
ATOM   339 C  C6    . DA  B 1 5  ? -4.933  -1.085  -1.240  1.000 26.339  ? 17  DA  BBB C6    1 ? 
ATOM   340 N  N6    . DA  B 1 5  ? -5.234  -0.319  -0.197  1.000 25.576  ? 17  DA  BBB N6    1 ? 
ATOM   341 N  N1    . DA  B 1 5  ? -4.536  -0.500  -2.391  1.000 25.424  ? 17  DA  BBB N1    1 ? 
ATOM   342 C  C2    . DA  B 1 5  ? -4.236  -1.290  -3.442  1.000 26.822  ? 17  DA  BBB C2    1 ? 
ATOM   343 N  N3    . DA  B 1 5  ? -4.231  -2.628  -3.518  1.000 29.441  ? 17  DA  BBB N3    1 ? 
ATOM   344 C  C4    . DA  B 1 5  ? -4.628  -3.168  -2.351  1.000 29.415  ? 17  DA  BBB C4    1 ? 
ATOM   345 P  P     . DA  B 1 6  ? -2.409  -8.640  -4.597  1.000 43.376  ? 18  DA  BBB P     1 ? 
ATOM   346 O  OP1   . DA  B 1 6  ? -2.294  -9.245  -5.943  1.000 41.638  ? 18  DA  BBB OP1   1 ? 
ATOM   347 O  OP2   . DA  B 1 6  ? -1.864  -9.223  -3.349  1.000 40.569  ? 18  DA  BBB OP2   1 ? 
ATOM   348 O  "O5'" . DA  B 1 6  ? -1.777  -7.200  -4.836  1.000 41.946  ? 18  DA  BBB "O5'" 1 ? 
ATOM   349 C  "C5'" . DA  B 1 6  ? -1.870  -6.578  -6.120  1.000 35.591  ? 18  DA  BBB "C5'" 1 ? 
ATOM   350 C  "C4'" . DA  B 1 6  ? -1.120  -5.262  -6.095  1.000 39.235  ? 18  DA  BBB "C4'" 1 ? 
ATOM   351 O  "O4'" . DA  B 1 6  ? -1.606  -4.394  -5.024  1.000 34.230  ? 18  DA  BBB "O4'" 1 ? 
ATOM   352 C  "C3'" . DA  B 1 6  ? 0.393   -5.408  -5.882  1.000 37.247  ? 18  DA  BBB "C3'" 1 ? 
ATOM   353 O  "O3'" . DA  B 1 6  ? 0.971   -4.679  -6.965  1.000 42.543  ? 18  DA  BBB "O3'" 1 ? 
ATOM   354 C  "C2'" . DA  B 1 6  ? 0.640   -4.793  -4.508  1.000 35.469  ? 18  DA  BBB "C2'" 1 ? 
ATOM   355 C  "C1'" . DA  B 1 6  ? -0.503  -3.793  -4.366  1.000 32.836  ? 18  DA  BBB "C1'" 1 ? 
ATOM   356 N  N9    . DA  B 1 6  ? -0.919  -3.485  -3.001  1.000 31.385  ? 18  DA  BBB N9    1 ? 
ATOM   357 C  C8    . DA  B 1 6  ? -1.261  -4.358  -2.000  1.000 28.009  ? 18  DA  BBB C8    1 ? 
ATOM   358 N  N7    . DA  B 1 6  ? -1.625  -3.769  -0.888  1.000 30.145  ? 18  DA  BBB N7    1 ? 
ATOM   359 C  C5    . DA  B 1 6  ? -1.518  -2.417  -1.179  1.000 25.561  ? 18  DA  BBB C5    1 ? 
ATOM   360 C  C6    . DA  B 1 6  ? -1.762  -1.270  -0.413  1.000 26.404  ? 18  DA  BBB C6    1 ? 
ATOM   361 N  N6    . DA  B 1 6  ? -2.196  -1.306  0.844   1.000 27.679  ? 18  DA  BBB N6    1 ? 
ATOM   362 N  N1    . DA  B 1 6  ? -1.540  -0.063  -0.990  1.000 26.338  ? 18  DA  BBB N1    1 ? 
ATOM   363 C  C2    . DA  B 1 6  ? -1.124  -0.034  -2.264  1.000 26.400  ? 18  DA  BBB C2    1 ? 
ATOM   364 N  N3    . DA  B 1 6  ? -0.847  -1.052  -3.082  1.000 28.608  ? 18  DA  BBB N3    1 ? 
ATOM   365 C  C4    . DA  B 1 6  ? -1.097  -2.227  -2.478  1.000 27.926  ? 18  DA  BBB C4    1 ? 
ATOM   366 P  P     . DT  B 1 7  ? 2.550   -4.672  -7.225  1.000 46.673  ? 19  DT  BBB P     1 ? 
ATOM   367 O  OP1   . DT  B 1 7  ? 2.728   -4.636  -8.682  1.000 45.946  ? 19  DT  BBB OP1   1 ? 
ATOM   368 O  OP2   . DT  B 1 7  ? 3.182   -5.704  -6.367  1.000 43.281  ? 19  DT  BBB OP2   1 ? 
ATOM   369 O  "O5'" . DT  B 1 7  ? 3.003   -3.262  -6.638  1.000 40.399  ? 19  DT  BBB "O5'" 1 ? 
ATOM   370 C  "C5'" . DT  B 1 7  ? 2.418   -2.051  -7.105  1.000 35.681  ? 19  DT  BBB "C5'" 1 ? 
ATOM   371 C  "C4'" . DT  B 1 7  ? 2.804   -0.926  -6.177  1.000 36.078  ? 19  DT  BBB "C4'" 1 ? 
ATOM   372 O  "O4'" . DT  B 1 7  ? 2.150   -1.073  -4.905  1.000 32.079  ? 19  DT  BBB "O4'" 1 ? 
ATOM   373 C  "C3'" . DT  B 1 7  ? 4.297   -0.810  -5.881  1.000 32.456  ? 19  DT  BBB "C3'" 1 ? 
ATOM   374 O  "O3'" . DT  B 1 7  ? 4.646   0.382   -6.574  1.000 39.933  ? 19  DT  BBB "O3'" 1 ? 
ATOM   375 C  "C2'" . DT  B 1 7  ? 4.395   -0.744  -4.360  1.000 28.270  ? 19  DT  BBB "C2'" 1 ? 
ATOM   376 C  "C1'" . DT  B 1 7  ? 2.970   -0.454  -3.924  1.000 29.669  ? 19  DT  BBB "C1'" 1 ? 
ATOM   377 N  N1    . DT  B 1 7  ? 2.541   -0.959  -2.600  1.000 29.075  ? 19  DT  BBB N1    1 ? 
ATOM   378 C  C2    . DT  B 1 7  ? 2.178   -0.060  -1.621  1.000 28.319  ? 19  DT  BBB C2    1 ? 
ATOM   379 O  O2    . DT  B 1 7  ? 2.209   1.149   -1.776  1.000 27.673  ? 19  DT  BBB O2    1 ? 
ATOM   380 N  N3    . DT  B 1 7  ? 1.782   -0.632  -0.439  1.000 26.450  ? 19  DT  BBB N3    1 ? 
ATOM   381 C  C4    . DT  B 1 7  ? 1.701   -1.974  -0.145  1.000 28.674  ? 19  DT  BBB C4    1 ? 
ATOM   382 O  O4    . DT  B 1 7  ? 1.286   -2.326  0.957   1.000 27.398  ? 19  DT  BBB O4    1 ? 
ATOM   383 C  C5    . DT  B 1 7  ? 2.103   -2.866  -1.220  1.000 29.450  ? 19  DT  BBB C5    1 ? 
ATOM   384 C  C7    . DT  B 1 7  ? 2.080   -4.346  -0.995  1.000 33.191  ? 19  DT  BBB C7    1 ? 
ATOM   385 C  C6    . DT  B 1 7  ? 2.484   -2.318  -2.379  1.000 31.510  ? 19  DT  BBB C6    1 ? 
ATOM   386 P  P     . DT  B 1 8  ? 6.155   0.895   -6.592  1.000 42.253  ? 20  DT  BBB P     1 ? 
ATOM   387 O  OP1   . DT  B 1 8  ? 6.316   1.801   -7.756  1.000 46.554  ? 20  DT  BBB OP1   1 ? 
ATOM   388 O  OP2   . DT  B 1 8  ? 7.047   -0.275  -6.335  1.000 39.219  ? 20  DT  BBB OP2   1 ? 
ATOM   389 O  "O5'" . DT  B 1 8  ? 6.225   1.827   -5.307  1.000 38.695  ? 20  DT  BBB "O5'" 1 ? 
ATOM   390 C  "C5'" . DT  B 1 8  ? 5.364   2.973   -5.204  1.000 38.149  ? 20  DT  BBB "C5'" 1 ? 
ATOM   391 C  "C4'" . DT  B 1 8  ? 5.583   3.617   -3.859  1.000 36.271  ? 20  DT  BBB "C4'" 1 ? 
ATOM   392 O  "O4'" . DT  B 1 8  ? 5.062   2.776   -2.806  1.000 32.996  ? 20  DT  BBB "O4'" 1 ? 
ATOM   393 C  "C3'" . DT  B 1 8  ? 7.062   3.857   -3.525  1.000 37.427  ? 20  DT  BBB "C3'" 1 ? 
ATOM   394 O  "O3'" . DT  B 1 8  ? 7.132   5.273   -3.378  1.000 38.200  ? 20  DT  BBB "O3'" 1 ? 
ATOM   395 C  "C2'" . DT  B 1 8  ? 7.320   3.021   -2.274  1.000 35.169  ? 20  DT  BBB "C2'" 1 ? 
ATOM   396 C  "C1'" . DT  B 1 8  ? 5.916   2.878   -1.677  1.000 32.736  ? 20  DT  BBB "C1'" 1 ? 
ATOM   397 N  N1    . DT  B 1 8  ? 5.655   1.692   -0.829  1.000 31.734  ? 20  DT  BBB N1    1 ? 
ATOM   398 C  C2    . DT  B 1 8  ? 5.059   1.862   0.404   1.000 29.415  ? 20  DT  BBB C2    1 ? 
ATOM   399 O  O2    . DT  B 1 8  ? 4.842   2.953   0.905   1.000 30.408  ? 20  DT  BBB O2    1 ? 
ATOM   400 N  N3    . DT  B 1 8  ? 4.769   0.695   1.059   1.000 29.335  ? 20  DT  BBB N3    1 ? 
ATOM   401 C  C4    . DT  B 1 8  ? 4.961   -0.590  0.601   1.000 31.296  ? 20  DT  BBB C4    1 ? 
ATOM   402 O  O4    . DT  B 1 8  ? 4.622   -1.534  1.295   1.000 29.352  ? 20  DT  BBB O4    1 ? 
ATOM   403 C  C5    . DT  B 1 8  ? 5.583   -0.700  -0.703  1.000 29.585  ? 20  DT  BBB C5    1 ? 
ATOM   404 C  C7    . DT  B 1 8  ? 5.863   -2.060  -1.265  1.000 34.925  ? 20  DT  BBB C7    1 ? 
ATOM   405 C  C6    . DT  B 1 8  ? 5.877   0.432   -1.351  1.000 30.962  ? 20  DT  BBB C6    1 ? 
ATOM   406 P  P     . DC  B 1 9  ? 8.495   5.988   -3.087  1.000 44.768  ? 21  DC  BBB P     1 ? 
ATOM   407 O  OP1   . DC  B 1 9  ? 8.390   7.356   -3.648  1.000 41.377  ? 21  DC  BBB OP1   1 ? 
ATOM   408 O  OP2   . DC  B 1 9  ? 9.596   5.063   -3.501  1.000 41.657  ? 21  DC  BBB OP2   1 ? 
ATOM   409 O  "O5'" . DC  B 1 9  ? 8.503   6.042   -1.498  1.000 42.801  ? 21  DC  BBB "O5'" 1 ? 
ATOM   410 C  "C5'" . DC  B 1 9  ? 7.476   6.759   -0.795  1.000 44.545  ? 21  DC  BBB "C5'" 1 ? 
ATOM   411 C  "C4'" . DC  B 1 9  ? 7.713   6.628   0.689   1.000 46.814  ? 21  DC  BBB "C4'" 1 ? 
ATOM   412 O  "O4'" . DC  B 1 9  ? 7.368   5.280   1.064   1.000 45.070  ? 21  DC  BBB "O4'" 1 ? 
ATOM   413 C  "C3'" . DC  B 1 9  ? 9.163   6.837   1.129   1.000 44.947  ? 21  DC  BBB "C3'" 1 ? 
ATOM   414 O  "O3'" . DC  B 1 9  ? 9.279   8.027   1.916   1.000 52.736  ? 21  DC  BBB "O3'" 1 ? 
ATOM   415 C  "C2'" . DC  B 1 9  ? 9.524   5.569   1.888   1.000 45.578  ? 21  DC  BBB "C2'" 1 ? 
ATOM   416 C  "C1'" . DC  B 1 9  ? 8.193   4.876   2.138   1.000 40.622  ? 21  DC  BBB "C1'" 1 ? 
ATOM   417 N  N1    . DC  B 1 9  ? 8.236   3.398   2.111   1.000 37.729  ? 21  DC  BBB N1    1 ? 
ATOM   418 C  C2    . DC  B 1 9  ? 7.633   2.660   3.145   1.000 34.676  ? 21  DC  BBB C2    1 ? 
ATOM   419 O  O2    . DC  B 1 9  ? 7.161   3.262   4.118   1.000 34.621  ? 21  DC  BBB O2    1 ? 
ATOM   420 N  N3    . DC  B 1 9  ? 7.630   1.307   3.076   1.000 32.241  ? 21  DC  BBB N3    1 ? 
ATOM   421 C  C4    . DC  B 1 9  ? 8.107   0.697   1.989   1.000 29.862  ? 21  DC  BBB C4    1 ? 
ATOM   422 N  N4    . DC  B 1 9  ? 8.090   -0.637  1.962   1.000 25.377  ? 21  DC  BBB N4    1 ? 
ATOM   423 C  C5    . DC  B 1 9  ? 8.725   1.423   0.926   1.000 34.787  ? 21  DC  BBB C5    1 ? 
ATOM   424 C  C6    . DC  B 1 9  ? 8.759   2.758   1.024   1.000 30.007  ? 21  DC  BBB C6    1 ? 
ATOM   425 P  P     . DA  B 1 10 ? 10.738  8.534   2.454   1.000 58.978  ? 22  DA  BBB P     1 ? 
ATOM   426 O  OP1   . DA  B 1 10 ? 10.835  9.986   2.198   1.000 62.293  ? 22  DA  BBB OP1   1 ? 
ATOM   427 O  OP2   . DA  B 1 10 ? 11.833  7.604   2.015   1.000 59.841  ? 22  DA  BBB OP2   1 ? 
ATOM   428 O  "O5'" . DA  B 1 10 ? 10.637  8.305   4.029   1.000 54.581  ? 22  DA  BBB "O5'" 1 ? 
ATOM   429 C  "C5'" . DA  B 1 10 ? 9.390   8.068   4.707   1.000 52.126  ? 22  DA  BBB "C5'" 1 ? 
ATOM   430 C  "C4'" . DA  B 1 10 ? 9.690   7.501   6.076   1.000 51.628  ? 22  DA  BBB "C4'" 1 ? 
ATOM   431 O  "O4'" . DA  B 1 10 ? 9.607   6.060   6.039   1.000 52.852  ? 22  DA  BBB "O4'" 1 ? 
ATOM   432 C  "C3'" . DA  B 1 10 ? 11.075  7.824   6.638   1.000 48.594  ? 22  DA  BBB "C3'" 1 ? 
ATOM   433 O  "O3'" . DA  B 1 10 ? 10.837  8.033   8.025   1.000 52.887  ? 22  DA  BBB "O3'" 1 ? 
ATOM   434 C  "C2'" . DA  B 1 10 ? 11.891  6.592   6.287   1.000 48.764  ? 22  DA  BBB "C2'" 1 ? 
ATOM   435 C  "C1'" . DA  B 1 10 ? 10.852  5.479   6.381   1.000 47.034  ? 22  DA  BBB "C1'" 1 ? 
ATOM   436 N  N9    . DA  B 1 10 ? 11.042  4.321   5.515   1.000 43.683  ? 22  DA  BBB N9    1 ? 
ATOM   437 C  C8    . DA  B 1 10 ? 11.666  4.262   4.295   1.000 42.290  ? 22  DA  BBB C8    1 ? 
ATOM   438 N  N7    . DA  B 1 10 ? 11.632  3.073   3.743   1.000 42.693  ? 22  DA  BBB N7    1 ? 
ATOM   439 C  C5    . DA  B 1 10 ? 10.976  2.288   4.682   1.000 37.354  ? 22  DA  BBB C5    1 ? 
ATOM   440 C  C6    . DA  B 1 10 ? 10.644  0.924   4.706   1.000 34.744  ? 22  DA  BBB C6    1 ? 
ATOM   441 N  N6    . DA  B 1 10 ? 10.943  0.080   3.723   1.000 30.807  ? 22  DA  BBB N6    1 ? 
ATOM   442 N  N1    . DA  B 1 10 ? 9.967   0.459   5.780   1.000 31.112  ? 22  DA  BBB N1    1 ? 
ATOM   443 C  C2    . DA  B 1 10 ? 9.666   1.311   6.760   1.000 32.173  ? 22  DA  BBB C2    1 ? 
ATOM   444 N  N3    . DA  B 1 10 ? 9.948   2.607   6.864   1.000 38.657  ? 22  DA  BBB N3    1 ? 
ATOM   445 C  C4    . DA  B 1 10 ? 10.586  3.046   5.766   1.000 38.864  ? 22  DA  BBB C4    1 ? 
ATOM   446 P  P     . DC  B 1 11 ? 11.921  8.677   8.950   1.000 52.704  ? 23  DC  BBB P     1 ? 
ATOM   447 O  OP1   . DC  B 1 11 ? 11.250  9.690   9.803   1.000 60.666  ? 23  DC  BBB OP1   1 ? 
ATOM   448 O  OP2   . DC  B 1 11 ? 13.138  8.950   8.151   1.000 55.569  ? 23  DC  BBB OP2   1 ? 
ATOM   449 O  "O5'" . DC  B 1 11 ? 12.242  7.528   10.008  1.000 56.997  ? 23  DC  BBB "O5'" 1 ? 
ATOM   450 C  "C5'" . DC  B 1 11 ? 11.153  6.858   10.675  1.000 45.468  ? 23  DC  BBB "C5'" 1 ? 
ATOM   451 C  "C4'" . DC  B 1 11 ? 11.649  5.537   11.205  1.000 43.159  ? 23  DC  BBB "C4'" 1 ? 
ATOM   452 O  "O4'" . DC  B 1 11 ? 11.622  4.566   10.138  1.000 39.656  ? 23  DC  BBB "O4'" 1 ? 
ATOM   453 C  "C3'" . DC  B 1 11 ? 13.084  5.581   11.738  1.000 41.811  ? 23  DC  BBB "C3'" 1 ? 
ATOM   454 O  "O3'" . DC  B 1 11 ? 13.009  5.353   13.147  1.000 43.462  ? 23  DC  BBB "O3'" 1 ? 
ATOM   455 C  "C2'" . DC  B 1 11 ? 13.807  4.497   10.969  1.000 41.356  ? 23  DC  BBB "C2'" 1 ? 
ATOM   456 C  "C1'" . DC  B 1 11 ? 12.681  3.681   10.351  1.000 42.536  ? 23  DC  BBB "C1'" 1 ? 
ATOM   457 N  N1    . DC  B 1 11 ? 13.024  3.085   9.068   1.000 34.444  ? 23  DC  BBB N1    1 ? 
ATOM   458 C  C2    . DC  B 1 11 ? 12.670  1.756   8.840   1.000 32.225  ? 23  DC  BBB C2    1 ? 
ATOM   459 O  O2    . DC  B 1 11 ? 12.034  1.144   9.714   1.000 32.153  ? 23  DC  BBB O2    1 ? 
ATOM   460 N  N3    . DC  B 1 11 ? 13.037  1.166   7.685   1.000 27.488  ? 23  DC  BBB N3    1 ? 
ATOM   461 C  C4    . DC  B 1 11 ? 13.741  1.845   6.781   1.000 31.797  ? 23  DC  BBB C4    1 ? 
ATOM   462 N  N4    . DC  B 1 11 ? 14.054  1.224   5.651   1.000 33.203  ? 23  DC  BBB N4    1 ? 
ATOM   463 C  C5    . DC  B 1 11 ? 14.144  3.194   6.998   1.000 33.552  ? 23  DC  BBB C5    1 ? 
ATOM   464 C  C6    . DC  B 1 11 ? 13.747  3.779   8.134   1.000 34.160  ? 23  DC  BBB C6    1 ? 
ATOM   465 P  P     . DG  B 1 12 ? 14.291  5.354   14.080  1.000 43.491  ? 24  DG  BBB P     1 ? 
ATOM   466 O  OP1   . DG  B 1 12 ? 13.863  5.867   15.414  1.000 46.555  ? 24  DG  BBB OP1   1 ? 
ATOM   467 O  OP2   . DG  B 1 12 ? 15.466  5.886   13.357  1.000 44.217  ? 24  DG  BBB OP2   1 ? 
ATOM   468 O  "O5'" . DG  B 1 12 ? 14.593  3.803   14.320  1.000 38.421  ? 24  DG  BBB "O5'" 1 ? 
ATOM   469 C  "C5'" . DG  B 1 12 ? 13.641  3.015   15.060  1.000 31.225  ? 24  DG  BBB "C5'" 1 ? 
ATOM   470 C  "C4'" . DG  B 1 12 ? 13.885  1.536   14.849  1.000 31.641  ? 24  DG  BBB "C4'" 1 ? 
ATOM   471 O  "O4'" . DG  B 1 12 ? 13.450  1.102   13.536  1.000 30.363  ? 24  DG  BBB "O4'" 1 ? 
ATOM   472 C  "C3'" . DG  B 1 12 ? 15.337  1.070   14.954  1.000 30.038  ? 24  DG  BBB "C3'" 1 ? 
ATOM   473 O  "O3'" . DG  B 1 12 ? 15.813  1.059   16.311  1.000 29.798  ? 24  DG  BBB "O3'" 1 ? 
ATOM   474 C  "C2'" . DG  B 1 12 ? 15.271  -0.287  14.289  1.000 30.256  ? 24  DG  BBB "C2'" 1 ? 
ATOM   475 C  "C1'" . DG  B 1 12 ? 14.300  -0.008  13.139  1.000 32.975  ? 24  DG  BBB "C1'" 1 ? 
ATOM   476 N  N9    . DG  B 1 12 ? 14.950  0.344   11.887  1.000 31.029  ? 24  DG  BBB N9    1 ? 
ATOM   477 C  C8    . DG  B 1 12 ? 15.385  1.586   11.489  1.000 36.021  ? 24  DG  BBB C8    1 ? 
ATOM   478 N  N7    . DG  B 1 12 ? 15.874  1.593   10.277  1.000 29.702  ? 24  DG  BBB N7    1 ? 
ATOM   479 C  C5    . DG  B 1 12 ? 15.766  0.275   9.854   1.000 29.927  ? 24  DG  BBB C5    1 ? 
ATOM   480 C  C6    . DG  B 1 12 ? 16.121  -0.317  8.623   1.000 29.422  ? 24  DG  BBB C6    1 ? 
ATOM   481 O  O6    . DG  B 1 12 ? 16.683  0.206   7.659   1.000 30.198  ? 24  DG  BBB O6    1 ? 
ATOM   482 N  N1    . DG  B 1 12 ? 15.845  -1.683  8.612   1.000 27.560  ? 24  DG  BBB N1    1 ? 
ATOM   483 C  C2    . DG  B 1 12 ? 15.233  -2.369  9.633   1.000 28.136  ? 24  DG  BBB C2    1 ? 
ATOM   484 N  N2    . DG  B 1 12 ? 15.035  -3.671  9.433   1.000 26.750  ? 24  DG  BBB N2    1 ? 
ATOM   485 N  N3    . DG  B 1 12 ? 14.927  -1.832  10.804  1.000 25.906  ? 24  DG  BBB N3    1 ? 
ATOM   486 C  C4    . DG  B 1 12 ? 15.180  -0.506  10.827  1.000 29.941  ? 24  DG  BBB C4    1 ? 
HETATM 487 MG MG    . MG  C 2 .  ? 13.282  -2.715  1.121   1.000 46.283  ? 101 MG  AAA MG    1 ? 
HETATM 488 MG MG    . MG  D 2 .  ? -8.235  -3.645  -7.861  1.000 48.184  ? 102 MG  AAA MG    1 ? 
HETATM 489 CL CL    . CL  E 3 .  ? 15.211  -3.263  0.621   1.000 65.083  ? 103 CL  AAA CL    1 ? 
HETATM 490 CL CL    . CL  F 3 .  ? 13.809  -1.326  2.643   1.000 59.209  ? 104 CL  AAA CL    1 ? 
HETATM 491 C  C1    . HT1 G 4 .  ? 3.821   6.770   0.041   1.000 45.684  ? 101 HT1 BBB C1    1 ? 
HETATM 492 O  O1    . HT1 G 4 .  ? 4.281   7.404   1.170   1.000 50.519  ? 101 HT1 BBB O1    1 ? 
HETATM 493 C  C2    . HT1 G 4 .  ? 3.866   7.388   -1.212  1.000 45.043  ? 101 HT1 BBB C2    1 ? 
HETATM 494 C  C3    . HT1 G 4 .  ? 3.393   6.731   -2.337  1.000 42.654  ? 101 HT1 BBB C3    1 ? 
HETATM 495 C  C4    . HT1 G 4 .  ? 2.874   5.441   -2.236  1.000 39.634  ? 101 HT1 BBB C4    1 ? 
HETATM 496 C  C5    . HT1 G 4 .  ? 2.856   4.843   -0.981  1.000 43.185  ? 101 HT1 BBB C5    1 ? 
HETATM 497 C  C6    . HT1 G 4 .  ? 3.302   5.494   0.152   1.000 39.745  ? 101 HT1 BBB C6    1 ? 
HETATM 498 C  C7    . HT1 G 4 .  ? 2.402   4.696   -3.410  1.000 44.494  ? 101 HT1 BBB C7    1 ? 
HETATM 499 N  N1    . HT1 G 4 .  ? 1.673   3.543   -3.314  1.000 41.831  ? 101 HT1 BBB N1    1 ? 
HETATM 500 C  C8    . HT1 G 4 .  ? 1.444   3.089   -4.601  1.000 44.274  ? 101 HT1 BBB C8    1 ? 
HETATM 501 C  C9    . HT1 G 4 .  ? 2.079   4.003   -5.449  1.000 51.041  ? 101 HT1 BBB C9    1 ? 
HETATM 502 N  N2    . HT1 G 4 .  ? 2.686   5.003   -4.680  1.000 44.304  ? 101 HT1 BBB N2    1 ? 
HETATM 503 C  C10   . HT1 G 4 .  ? 2.030   3.811   -6.838  1.000 51.229  ? 101 HT1 BBB C10   1 ? 
HETATM 504 C  C11   . HT1 G 4 .  ? 1.358   2.710   -7.337  1.000 53.887  ? 101 HT1 BBB C11   1 ? 
HETATM 505 C  C12   . HT1 G 4 .  ? 0.726   1.797   -6.484  1.000 50.086  ? 101 HT1 BBB C12   1 ? 
HETATM 506 C  C13   . HT1 G 4 .  ? 0.764   1.995   -5.110  1.000 44.770  ? 101 HT1 BBB C13   1 ? 
HETATM 507 C  C14   . HT1 G 4 .  ? -0.009  0.644   -7.016  1.000 64.935  ? 101 HT1 BBB C14   1 ? 
HETATM 508 N  N3    . HT1 G 4 .  ? -1.086  0.083   -6.405  1.000 69.358  ? 101 HT1 BBB N3    1 ? 
HETATM 509 C  C15   . HT1 G 4 .  ? -1.496  -0.967  -7.204  1.000 74.269  ? 101 HT1 BBB C15   1 ? 
HETATM 510 C  C16   . HT1 G 4 .  ? -0.609  -1.007  -8.283  1.000 75.927  ? 101 HT1 BBB C16   1 ? 
HETATM 511 N  N4    . HT1 G 4 .  ? 0.328   0.014   -8.141  1.000 68.916  ? 101 HT1 BBB N4    1 ? 
HETATM 512 C  C17   . HT1 G 4 .  ? -0.755  -1.974  -9.283  1.000 78.571  ? 101 HT1 BBB C17   1 ? 
HETATM 513 C  C18   . HT1 G 4 .  ? -1.789  -2.876  -9.190  1.000 87.399  ? 101 HT1 BBB C18   1 ? 
HETATM 514 C  C19   . HT1 G 4 .  ? -2.705  -2.825  -8.115  1.000 97.204  ? 101 HT1 BBB C19   1 ? 
HETATM 515 C  C20   . HT1 G 4 .  ? -2.536  -1.873  -7.103  1.000 82.943  ? 101 HT1 BBB C20   1 ? 
HETATM 516 N  N5    . HT1 G 4 .  ? -3.746  -3.758  -8.002  1.000 109.236 ? 101 HT1 BBB N5    1 ? 
HETATM 517 C  C21   . HT1 G 4 .  ? -4.368  -3.978  -6.680  1.000 101.849 ? 101 HT1 BBB C21   1 ? 
HETATM 518 C  C22   . HT1 G 4 .  ? -5.678  -4.726  -6.723  1.000 100.766 ? 101 HT1 BBB C22   1 ? 
HETATM 519 N  N6    . HT1 G 4 .  ? -5.619  -5.832  -7.666  1.000 106.567 ? 101 HT1 BBB N6    1 ? 
HETATM 520 C  C23   . HT1 G 4 .  ? -5.486  -5.261  -9.004  1.000 107.006 ? 101 HT1 BBB C23   1 ? 
HETATM 521 C  C24   . HT1 G 4 .  ? -4.144  -4.582  -9.162  1.000 108.260 ? 101 HT1 BBB C24   1 ? 
HETATM 522 C  C25   . HT1 G 4 .  ? -6.802  -6.686  -7.542  1.000 104.239 ? 101 HT1 BBB C25   1 ? 
HETATM 523 C  C26   . HT1 G 4 .  ? 4.165   6.772   2.451   1.000 47.231  ? 101 HT1 BBB C26   1 ? 
HETATM 524 C  C27   . HT1 G 4 .  ? 4.645   7.770   3.458   1.000 53.055  ? 101 HT1 BBB C27   1 ? 
HETATM 525 O  O     . HOH H 5 .  ? 12.122  -8.216  3.350   1.000 44.160  ? 201 HOH AAA O     1 ? 
HETATM 526 O  O     . HOH H 5 .  ? -2.289  0.495   5.877   1.000 43.913  ? 202 HOH AAA O     1 ? 
HETATM 527 O  O     . HOH H 5 .  ? 12.897  -4.507  2.539   1.000 51.727  ? 203 HOH AAA O     1 ? 
HETATM 528 O  O     . HOH H 5 .  ? -0.162  12.647  5.253   1.000 36.056  ? 204 HOH AAA O     1 ? 
HETATM 529 O  O     . HOH H 5 .  ? 19.535  -5.092  5.149   1.000 39.488  ? 205 HOH AAA O     1 ? 
HETATM 530 O  O     . HOH H 5 .  ? 4.962   1.809   9.629   1.000 44.282  ? 206 HOH AAA O     1 ? 
HETATM 531 O  O     . HOH H 5 .  ? -4.576  0.979   4.026   1.000 35.848  ? 207 HOH AAA O     1 ? 
HETATM 532 O  O     . HOH H 5 .  ? -3.577  7.836   2.498   1.000 30.766  ? 208 HOH AAA O     1 ? 
HETATM 533 O  O     . HOH H 5 .  ? -0.597  10.084  8.228   1.000 37.051  ? 209 HOH AAA O     1 ? 
HETATM 534 O  O     . HOH H 5 .  ? -7.581  5.813   -3.647  1.000 33.882  ? 210 HOH AAA O     1 ? 
HETATM 535 O  O     . HOH H 5 .  ? -2.925  5.028   6.555   1.000 41.205  ? 211 HOH AAA O     1 ? 
HETATM 536 O  O     . HOH H 5 .  ? 20.915  -5.650  2.754   1.000 36.253  ? 212 HOH AAA O     1 ? 
HETATM 537 O  O     . HOH I 5 .  ? -12.418 5.128   -5.634  1.000 37.376  ? 201 HOH BBB O     1 ? 
HETATM 538 O  O     . HOH I 5 .  ? -12.366 4.032   -8.755  1.000 46.765  ? 202 HOH BBB O     1 ? 
HETATM 539 O  O     . HOH I 5 .  ? -5.886  -3.228  2.375   1.000 41.731  ? 203 HOH BBB O     1 ? 
HETATM 540 O  O     . HOH I 5 .  ? 17.044  3.825   9.367   1.000 41.159  ? 204 HOH BBB O     1 ? 
HETATM 541 O  O     . HOH I 5 .  ? 8.769   4.151   9.053   1.000 40.167  ? 205 HOH BBB O     1 ? 
HETATM 542 O  O     . HOH I 5 .  ? 4.321   -4.468  -3.877  1.000 41.212  ? 206 HOH BBB O     1 ? 
# 
